data_1QDW
#
_entry.id   1QDW
#
_cell.length_a   76.260
_cell.length_b   78.740
_cell.length_c   125.320
_cell.angle_alpha   90.00
_cell.angle_beta   90.00
_cell.angle_gamma   90.00
#
_symmetry.space_group_name_H-M   'P 21 21 21'
#
loop_
_entity.id
_entity.type
_entity.pdbx_description
1 polymer 'KV1.2 VOLTAGE-GATED POTASSIUM CHANNEL'
2 water water
#
_entity_poly.entity_id   1
_entity_poly.type   'polypeptide(L)'
_entity_poly.pdbx_seq_one_letter_code
;ERVVINISGLRFETQLKTLAQFPETLLGDPKKRMRYFDPLRNEYFFDRNRPSFDAILYYYQSGGRLRRPVNVPLDIFSEE
IRFYELG
;
_entity_poly.pdbx_strand_id   A,B,C,D,E,F,G,H
#
# COMPACT_ATOMS: atom_id res chain seq x y z
N GLU A 1 4.52 18.01 -2.27
CA GLU A 1 3.46 16.99 -2.05
C GLU A 1 3.19 16.84 -0.56
N ARG A 2 4.01 17.51 0.24
CA ARG A 2 3.85 17.44 1.69
C ARG A 2 3.51 18.77 2.36
N VAL A 3 2.56 18.71 3.28
CA VAL A 3 2.12 19.89 3.98
C VAL A 3 2.49 19.87 5.46
N VAL A 4 2.83 21.05 5.97
CA VAL A 4 3.17 21.18 7.38
C VAL A 4 2.04 21.91 8.08
N ILE A 5 1.60 21.37 9.22
CA ILE A 5 0.53 21.98 10.00
C ILE A 5 1.02 22.22 11.42
N ASN A 6 1.18 23.49 11.75
CA ASN A 6 1.66 23.88 13.07
C ASN A 6 0.52 24.15 14.01
N ILE A 7 0.38 23.29 15.03
CA ILE A 7 -0.68 23.45 16.01
C ILE A 7 -0.06 23.96 17.31
N SER A 8 -0.06 25.29 17.47
CA SER A 8 0.48 25.89 18.68
C SER A 8 1.91 25.44 18.94
N GLY A 9 2.72 25.38 17.89
CA GLY A 9 4.12 24.97 18.06
C GLY A 9 4.37 23.50 17.77
N LEU A 10 3.33 22.66 17.83
CA LEU A 10 3.51 21.23 17.56
C LEU A 10 3.34 20.96 16.05
N ARG A 11 4.43 20.58 15.39
CA ARG A 11 4.43 20.35 13.95
C ARG A 11 3.94 18.98 13.47
N PHE A 12 2.95 19.01 12.58
CA PHE A 12 2.43 17.80 11.97
C PHE A 12 2.74 17.90 10.49
N GLU A 13 3.01 16.75 9.87
CA GLU A 13 3.32 16.67 8.45
C GLU A 13 2.49 15.55 7.84
N THR A 14 1.90 15.80 6.68
CA THR A 14 1.10 14.77 6.02
C THR A 14 1.17 15.04 4.52
N GLN A 15 0.50 14.19 3.74
CA GLN A 15 0.49 14.34 2.29
C GLN A 15 -0.74 15.12 1.86
N LEU A 16 -0.59 15.93 0.83
CA LEU A 16 -1.73 16.71 0.33
C LEU A 16 -2.91 15.79 0.02
N LYS A 17 -2.62 14.66 -0.61
CA LYS A 17 -3.64 13.68 -0.98
C LYS A 17 -4.38 13.14 0.24
N THR A 18 -3.72 13.14 1.40
CA THR A 18 -4.38 12.64 2.61
C THR A 18 -5.49 13.61 2.98
N LEU A 19 -5.18 14.89 2.92
CA LEU A 19 -6.13 15.94 3.25
C LEU A 19 -7.18 16.09 2.15
N ALA A 20 -6.74 15.98 0.90
CA ALA A 20 -7.62 16.12 -0.26
C ALA A 20 -8.80 15.15 -0.25
N GLN A 21 -8.67 14.06 0.50
CA GLN A 21 -9.73 13.07 0.59
C GLN A 21 -11.08 13.67 0.97
N PHE A 22 -11.06 14.59 1.93
CA PHE A 22 -12.29 15.23 2.39
C PHE A 22 -12.25 16.73 2.10
N PRO A 23 -12.52 17.11 0.83
CA PRO A 23 -12.53 18.49 0.34
C PRO A 23 -13.53 19.42 1.02
N GLU A 24 -14.53 18.86 1.67
CA GLU A 24 -15.52 19.68 2.31
C GLU A 24 -15.09 20.15 3.70
N THR A 25 -13.94 19.69 4.17
CA THR A 25 -13.45 20.11 5.48
C THR A 25 -12.55 21.33 5.34
N LEU A 26 -12.25 21.97 6.46
CA LEU A 26 -11.41 23.15 6.46
C LEU A 26 -10.06 22.82 5.82
N LEU A 27 -9.38 21.80 6.36
CA LEU A 27 -8.06 21.41 5.85
C LEU A 27 -8.09 20.83 4.45
N GLY A 28 -9.21 20.24 4.05
CA GLY A 28 -9.33 19.67 2.72
C GLY A 28 -9.71 20.69 1.67
N ASP A 29 -10.19 21.86 2.09
CA ASP A 29 -10.59 22.92 1.17
C ASP A 29 -9.49 23.96 1.06
N PRO A 30 -8.76 24.01 -0.08
CA PRO A 30 -7.68 24.97 -0.30
C PRO A 30 -8.07 26.45 -0.16
N LYS A 31 -9.36 26.70 -0.13
CA LYS A 31 -9.87 28.05 0.01
C LYS A 31 -10.05 28.37 1.50
N LYS A 32 -10.43 27.36 2.27
CA LYS A 32 -10.63 27.52 3.70
C LYS A 32 -9.34 27.52 4.49
N ARG A 33 -8.43 26.59 4.16
CA ARG A 33 -7.18 26.51 4.89
C ARG A 33 -6.20 27.63 4.55
N MET A 34 -6.36 28.25 3.39
CA MET A 34 -5.47 29.33 2.97
C MET A 34 -5.39 30.47 3.98
N ARG A 35 -6.49 30.70 4.69
CA ARG A 35 -6.53 31.77 5.70
C ARG A 35 -5.51 31.57 6.83
N TYR A 36 -5.09 30.32 7.04
CA TYR A 36 -4.13 30.02 8.10
C TYR A 36 -2.72 29.76 7.60
N PHE A 37 -2.53 29.85 6.29
CA PHE A 37 -1.21 29.60 5.72
C PHE A 37 -0.23 30.73 6.04
N ASP A 38 0.97 30.33 6.46
CA ASP A 38 2.04 31.26 6.79
C ASP A 38 3.04 31.14 5.65
N PRO A 39 2.96 32.05 4.67
CA PRO A 39 3.81 32.10 3.48
C PRO A 39 5.30 32.08 3.82
N LEU A 40 5.65 32.73 4.91
CA LEU A 40 7.02 32.83 5.37
C LEU A 40 7.64 31.48 5.76
N ARG A 41 6.92 30.69 6.55
CA ARG A 41 7.43 29.41 7.01
C ARG A 41 6.94 28.22 6.18
N ASN A 42 6.04 28.49 5.25
CA ASN A 42 5.45 27.46 4.39
C ASN A 42 4.71 26.40 5.20
N GLU A 43 3.87 26.86 6.12
CA GLU A 43 3.08 25.97 6.96
C GLU A 43 1.80 26.66 7.37
N TYR A 44 0.83 25.86 7.77
CA TYR A 44 -0.43 26.39 8.25
C TYR A 44 -0.28 26.45 9.75
N PHE A 45 -0.85 27.47 10.36
CA PHE A 45 -0.76 27.64 11.79
C PHE A 45 -2.12 27.83 12.45
N PHE A 46 -2.35 27.10 13.54
CA PHE A 46 -3.58 27.20 14.28
C PHE A 46 -3.21 27.34 15.76
N ASP A 47 -3.73 28.39 16.39
CA ASP A 47 -3.46 28.63 17.80
C ASP A 47 -4.51 27.84 18.58
N ARG A 48 -4.47 26.50 18.47
CA ARG A 48 -5.46 25.67 19.14
C ARG A 48 -4.94 24.47 19.96
N ASN A 49 -5.88 23.75 20.55
CA ASN A 49 -5.64 22.55 21.37
C ASN A 49 -4.71 21.56 20.67
N ARG A 50 -3.60 21.22 21.33
CA ARG A 50 -2.62 20.30 20.76
C ARG A 50 -3.00 18.81 20.76
N PRO A 51 -3.42 18.25 21.91
CA PRO A 51 -3.80 16.83 21.98
C PRO A 51 -4.91 16.37 21.03
N SER A 52 -5.85 17.25 20.73
CA SER A 52 -6.93 16.89 19.82
C SER A 52 -6.46 16.61 18.39
N PHE A 53 -5.40 17.26 17.96
CA PHE A 53 -5.00 17.09 16.57
C PHE A 53 -4.57 15.71 16.10
N ASP A 54 -4.05 14.86 16.99
CA ASP A 54 -3.65 13.53 16.55
C ASP A 54 -4.86 12.84 15.94
N ALA A 55 -6.01 13.02 16.59
CA ALA A 55 -7.25 12.41 16.15
C ALA A 55 -7.79 13.08 14.89
N ILE A 56 -7.64 14.41 14.83
CA ILE A 56 -8.09 15.14 13.64
C ILE A 56 -7.32 14.66 12.42
N LEU A 57 -6.00 14.56 12.55
CA LEU A 57 -5.20 14.11 11.43
C LEU A 57 -5.49 12.63 11.13
N TYR A 58 -5.65 11.83 12.17
CA TYR A 58 -5.92 10.40 11.99
C TYR A 58 -7.20 10.20 11.21
N TYR A 59 -8.15 11.11 11.40
CA TYR A 59 -9.41 11.07 10.67
C TYR A 59 -9.11 10.96 9.17
N TYR A 60 -8.19 11.78 8.70
CA TYR A 60 -7.83 11.77 7.28
C TYR A 60 -7.03 10.53 6.88
N GLN A 61 -6.04 10.19 7.67
CA GLN A 61 -5.19 9.05 7.37
C GLN A 61 -5.94 7.72 7.36
N SER A 62 -6.98 7.60 8.18
CA SER A 62 -7.75 6.38 8.27
C SER A 62 -8.84 6.28 7.23
N GLY A 63 -9.09 7.36 6.51
CA GLY A 63 -10.15 7.34 5.51
C GLY A 63 -11.52 7.56 6.13
N GLY A 64 -11.55 8.26 7.27
CA GLY A 64 -12.82 8.54 7.90
C GLY A 64 -13.05 8.08 9.33
N ARG A 65 -12.03 7.53 9.99
CA ARG A 65 -12.21 7.09 11.36
C ARG A 65 -12.02 8.25 12.34
N LEU A 66 -13.10 8.66 12.99
CA LEU A 66 -13.06 9.76 13.95
C LEU A 66 -13.17 9.22 15.38
N ARG A 67 -12.04 9.17 16.09
CA ARG A 67 -12.00 8.68 17.46
C ARG A 67 -11.54 9.79 18.37
N ARG A 68 -12.20 9.91 19.52
CA ARG A 68 -11.84 10.93 20.47
C ARG A 68 -10.73 10.44 21.41
N PRO A 69 -9.61 11.16 21.46
CA PRO A 69 -8.50 10.76 22.33
C PRO A 69 -8.99 10.67 23.77
N VAL A 70 -8.84 9.48 24.36
CA VAL A 70 -9.27 9.27 25.73
C VAL A 70 -8.80 10.35 26.71
N ASN A 71 -7.74 11.07 26.35
CA ASN A 71 -7.24 12.10 27.23
C ASN A 71 -7.76 13.51 26.90
N VAL A 72 -8.70 13.61 25.97
CA VAL A 72 -9.27 14.91 25.63
C VAL A 72 -10.78 14.85 25.79
N PRO A 73 -11.31 15.67 26.71
CA PRO A 73 -12.73 15.80 27.06
C PRO A 73 -13.66 15.86 25.83
N LEU A 74 -14.81 15.21 25.95
CA LEU A 74 -15.79 15.18 24.88
C LEU A 74 -16.17 16.59 24.38
N ASP A 75 -16.50 17.51 25.29
CA ASP A 75 -16.90 18.84 24.86
C ASP A 75 -15.79 19.59 24.12
N ILE A 76 -14.55 19.44 24.60
CA ILE A 76 -13.41 20.08 23.95
C ILE A 76 -13.22 19.52 22.54
N PHE A 77 -13.21 18.20 22.42
CA PHE A 77 -13.00 17.57 21.13
C PHE A 77 -14.13 17.87 20.14
N SER A 78 -15.36 17.94 20.62
CA SER A 78 -16.49 18.24 19.73
C SER A 78 -16.30 19.63 19.13
N GLU A 79 -15.79 20.54 19.95
CA GLU A 79 -15.55 21.90 19.51
C GLU A 79 -14.49 21.88 18.40
N GLU A 80 -13.41 21.13 18.62
CA GLU A 80 -12.36 21.03 17.62
C GLU A 80 -12.94 20.40 16.36
N ILE A 81 -13.80 19.40 16.54
CA ILE A 81 -14.44 18.73 15.41
C ILE A 81 -15.20 19.76 14.55
N ARG A 82 -15.96 20.62 15.22
CA ARG A 82 -16.72 21.66 14.52
C ARG A 82 -15.79 22.63 13.80
N PHE A 83 -14.73 23.06 14.47
CA PHE A 83 -13.79 24.00 13.87
C PHE A 83 -13.17 23.44 12.60
N TYR A 84 -12.73 22.19 12.64
CA TYR A 84 -12.10 21.60 11.47
C TYR A 84 -13.12 21.18 10.43
N GLU A 85 -14.40 21.29 10.79
CA GLU A 85 -15.51 20.96 9.90
C GLU A 85 -15.49 19.53 9.38
N LEU A 86 -15.44 18.56 10.29
CA LEU A 86 -15.41 17.16 9.90
C LEU A 86 -16.80 16.55 9.79
N GLY A 87 -17.77 17.14 10.50
CA GLY A 87 -19.13 16.62 10.50
C GLY A 87 -19.79 16.21 9.18
N GLU B 1 24.53 26.69 30.95
CA GLU B 1 23.80 26.14 32.14
C GLU B 1 22.57 25.33 31.76
N ARG B 2 22.29 25.24 30.46
CA ARG B 2 21.15 24.48 29.92
C ARG B 2 21.61 23.09 29.47
N VAL B 3 20.89 22.06 29.89
CA VAL B 3 21.24 20.69 29.51
C VAL B 3 20.21 20.15 28.52
N VAL B 4 20.69 19.51 27.46
CA VAL B 4 19.80 18.96 26.44
C VAL B 4 19.86 17.44 26.49
N ILE B 5 18.69 16.82 26.71
CA ILE B 5 18.58 15.37 26.78
C ILE B 5 17.64 14.87 25.69
N ASN B 6 18.20 14.12 24.75
CA ASN B 6 17.50 13.58 23.60
C ASN B 6 17.10 12.12 23.85
N ILE B 7 15.81 11.89 24.04
CA ILE B 7 15.30 10.55 24.28
C ILE B 7 14.65 10.08 22.98
N SER B 8 15.38 9.25 22.24
CA SER B 8 14.89 8.70 20.98
C SER B 8 14.29 9.74 20.03
N GLY B 9 14.89 10.93 19.98
CA GLY B 9 14.37 11.95 19.09
C GLY B 9 13.59 13.05 19.80
N LEU B 10 13.12 12.78 21.02
CA LEU B 10 12.36 13.77 21.78
C LEU B 10 13.30 14.60 22.67
N ARG B 11 13.42 15.89 22.37
CA ARG B 11 14.30 16.79 23.10
C ARG B 11 13.76 17.37 24.39
N PHE B 12 14.52 17.16 25.46
CA PHE B 12 14.18 17.70 26.78
C PHE B 12 15.29 18.67 27.16
N GLU B 13 14.93 19.72 27.88
CA GLU B 13 15.90 20.73 28.32
C GLU B 13 15.63 21.10 29.78
N THR B 14 16.70 21.16 30.56
CA THR B 14 16.60 21.52 31.98
C THR B 14 17.87 22.30 32.34
N GLN B 15 18.00 22.68 33.62
CA GLN B 15 19.17 23.42 34.10
C GLN B 15 20.12 22.46 34.79
N LEU B 16 21.41 22.76 34.75
CA LEU B 16 22.41 21.91 35.41
C LEU B 16 22.08 21.69 36.89
N LYS B 17 21.69 22.77 37.57
CA LYS B 17 21.38 22.67 38.97
C LYS B 17 20.21 21.71 39.25
N THR B 18 19.29 21.58 38.29
CA THR B 18 18.14 20.69 38.49
C THR B 18 18.60 19.24 38.64
N LEU B 19 19.51 18.82 37.78
CA LEU B 19 20.03 17.46 37.81
C LEU B 19 20.96 17.26 39.01
N ALA B 20 21.75 18.28 39.31
CA ALA B 20 22.70 18.21 40.40
C ALA B 20 22.07 17.86 41.74
N GLN B 21 20.76 18.09 41.88
CA GLN B 21 20.06 17.80 43.12
C GLN B 21 20.35 16.39 43.63
N PHE B 22 20.29 15.41 42.74
CA PHE B 22 20.54 14.03 43.12
C PHE B 22 21.77 13.50 42.41
N PRO B 23 22.97 13.77 42.98
CA PRO B 23 24.26 13.33 42.42
C PRO B 23 24.47 11.81 42.33
N GLU B 24 23.73 11.05 43.12
CA GLU B 24 23.89 9.60 43.11
C GLU B 24 23.10 8.87 42.01
N THR B 25 22.52 9.63 41.10
CA THR B 25 21.76 9.06 39.99
C THR B 25 22.58 9.15 38.69
N LEU B 26 22.14 8.45 37.66
CA LEU B 26 22.85 8.47 36.39
C LEU B 26 22.92 9.90 35.86
N LEU B 27 21.77 10.58 35.83
CA LEU B 27 21.71 11.94 35.32
C LEU B 27 22.32 12.96 36.28
N GLY B 28 22.27 12.66 37.58
CA GLY B 28 22.83 13.58 38.56
C GLY B 28 24.35 13.50 38.65
N ASP B 29 24.93 12.42 38.10
CA ASP B 29 26.37 12.20 38.13
C ASP B 29 27.01 12.51 36.78
N PRO B 30 27.80 13.60 36.70
CA PRO B 30 28.48 13.98 35.45
C PRO B 30 29.37 12.88 34.88
N LYS B 31 29.91 12.05 35.76
CA LYS B 31 30.77 10.96 35.32
C LYS B 31 29.89 9.95 34.58
N LYS B 32 28.77 9.61 35.19
CA LYS B 32 27.84 8.65 34.61
C LYS B 32 27.14 9.13 33.33
N ARG B 33 26.55 10.32 33.35
CA ARG B 33 25.85 10.79 32.18
C ARG B 33 26.74 11.10 30.97
N MET B 34 28.01 11.43 31.23
CA MET B 34 28.96 11.74 30.15
C MET B 34 29.02 10.62 29.11
N ARG B 35 28.86 9.37 29.56
CA ARG B 35 28.90 8.23 28.65
C ARG B 35 27.85 8.29 27.54
N TYR B 36 26.86 9.18 27.67
CA TYR B 36 25.83 9.32 26.64
C TYR B 36 25.91 10.68 25.95
N PHE B 37 26.96 11.44 26.26
CA PHE B 37 27.10 12.78 25.70
C PHE B 37 27.67 12.82 24.28
N ASP B 38 26.98 13.56 23.41
CA ASP B 38 27.39 13.74 22.03
C ASP B 38 27.95 15.14 21.87
N PRO B 39 29.28 15.27 21.84
CA PRO B 39 29.95 16.56 21.68
C PRO B 39 29.53 17.31 20.41
N LEU B 40 29.40 16.59 19.30
CA LEU B 40 29.01 17.21 18.04
C LEU B 40 27.57 17.73 17.98
N ARG B 41 26.72 17.30 18.91
CA ARG B 41 25.33 17.77 18.94
C ARG B 41 25.03 18.48 20.25
N ASN B 42 26.00 18.47 21.14
CA ASN B 42 25.85 19.08 22.46
C ASN B 42 24.54 18.65 23.10
N GLU B 43 24.43 17.36 23.37
CA GLU B 43 23.26 16.78 23.98
C GLU B 43 23.60 15.36 24.41
N TYR B 44 22.80 14.85 25.34
CA TYR B 44 22.96 13.48 25.79
C TYR B 44 21.92 12.75 24.96
N PHE B 45 22.18 11.48 24.62
CA PHE B 45 21.22 10.74 23.82
C PHE B 45 20.92 9.38 24.46
N PHE B 46 19.63 9.09 24.59
CA PHE B 46 19.17 7.83 25.15
C PHE B 46 18.18 7.18 24.19
N ASP B 47 18.50 5.95 23.77
CA ASP B 47 17.67 5.19 22.85
C ASP B 47 16.66 4.46 23.73
N ARG B 48 15.84 5.24 24.44
CA ARG B 48 14.88 4.66 25.36
C ARG B 48 13.44 5.15 25.29
N ASN B 49 12.60 4.55 26.12
CA ASN B 49 11.17 4.87 26.19
C ASN B 49 10.98 6.36 26.40
N ARG B 50 10.18 6.97 25.52
CA ARG B 50 9.89 8.41 25.55
C ARG B 50 8.89 8.85 26.60
N PRO B 51 7.69 8.24 26.65
CA PRO B 51 6.73 8.68 27.65
C PRO B 51 7.21 8.60 29.10
N SER B 52 8.09 7.65 29.40
CA SER B 52 8.58 7.55 30.76
C SER B 52 9.40 8.76 31.19
N PHE B 53 10.09 9.37 30.24
CA PHE B 53 10.96 10.48 30.62
C PHE B 53 10.34 11.72 31.27
N ASP B 54 9.08 12.04 30.98
CA ASP B 54 8.47 13.21 31.61
C ASP B 54 8.51 13.07 33.14
N ALA B 55 8.29 11.84 33.60
CA ALA B 55 8.28 11.54 35.04
C ALA B 55 9.70 11.48 35.62
N ILE B 56 10.65 10.99 34.82
CA ILE B 56 12.03 10.93 35.30
C ILE B 56 12.53 12.34 35.54
N LEU B 57 12.26 13.23 34.59
CA LEU B 57 12.69 14.62 34.71
C LEU B 57 11.90 15.34 35.80
N TYR B 58 10.61 15.07 35.90
CA TYR B 58 9.79 15.71 36.93
C TYR B 58 10.34 15.38 38.30
N TYR B 59 10.90 14.18 38.44
CA TYR B 59 11.50 13.75 39.69
C TYR B 59 12.52 14.80 40.14
N TYR B 60 13.41 15.18 39.24
CA TYR B 60 14.42 16.18 39.59
C TYR B 60 13.82 17.56 39.80
N GLN B 61 12.92 17.98 38.92
CA GLN B 61 12.34 19.30 39.03
C GLN B 61 11.54 19.49 40.30
N SER B 62 10.83 18.45 40.73
CA SER B 62 10.00 18.54 41.93
C SER B 62 10.81 18.40 43.21
N GLY B 63 12.08 18.03 43.08
CA GLY B 63 12.90 17.88 44.25
C GLY B 63 12.71 16.52 44.90
N GLY B 64 12.34 15.52 44.11
CA GLY B 64 12.18 14.19 44.66
C GLY B 64 10.85 13.49 44.49
N ARG B 65 9.91 14.08 43.77
CA ARG B 65 8.62 13.45 43.58
C ARG B 65 8.61 12.48 42.40
N LEU B 66 8.47 11.20 42.72
CA LEU B 66 8.47 10.16 41.69
C LEU B 66 7.05 9.64 41.46
N ARG B 67 6.52 9.93 40.28
CA ARG B 67 5.18 9.50 39.91
C ARG B 67 5.28 8.74 38.63
N ARG B 68 4.48 7.69 38.53
CA ARG B 68 4.45 6.87 37.33
C ARG B 68 3.35 7.42 36.43
N PRO B 69 3.66 7.65 35.15
CA PRO B 69 2.65 8.17 34.22
C PRO B 69 1.57 7.11 33.98
N VAL B 70 0.32 7.41 34.36
CA VAL B 70 -0.76 6.45 34.18
C VAL B 70 -0.69 5.71 32.84
N ASN B 71 -0.16 6.37 31.82
CA ASN B 71 -0.06 5.76 30.49
C ASN B 71 1.23 4.94 30.26
N VAL B 72 1.98 4.69 31.33
CA VAL B 72 3.17 3.85 31.21
C VAL B 72 3.03 2.74 32.24
N PRO B 73 3.01 1.49 31.76
CA PRO B 73 2.89 0.31 32.62
C PRO B 73 3.89 0.28 33.78
N LEU B 74 3.45 -0.25 34.91
CA LEU B 74 4.29 -0.34 36.10
C LEU B 74 5.66 -0.99 35.87
N ASP B 75 5.69 -2.12 35.16
CA ASP B 75 6.95 -2.82 34.93
C ASP B 75 7.86 -2.04 34.00
N ILE B 76 7.31 -1.51 32.91
CA ILE B 76 8.11 -0.72 31.97
C ILE B 76 8.75 0.43 32.75
N PHE B 77 7.92 1.17 33.49
CA PHE B 77 8.43 2.31 34.27
C PHE B 77 9.43 1.88 35.33
N SER B 78 9.20 0.71 35.92
CA SER B 78 10.14 0.21 36.94
C SER B 78 11.50 -0.05 36.34
N GLU B 79 11.52 -0.49 35.08
CA GLU B 79 12.77 -0.76 34.38
C GLU B 79 13.52 0.57 34.19
N GLU B 80 12.78 1.59 33.76
CA GLU B 80 13.35 2.91 33.56
C GLU B 80 13.89 3.49 34.87
N ILE B 81 13.12 3.33 35.95
CA ILE B 81 13.55 3.83 37.25
C ILE B 81 14.92 3.22 37.60
N ARG B 82 15.05 1.92 37.38
CA ARG B 82 16.30 1.23 37.67
C ARG B 82 17.41 1.80 36.82
N PHE B 83 17.21 1.81 35.50
CA PHE B 83 18.23 2.34 34.59
C PHE B 83 18.72 3.71 34.98
N TYR B 84 17.81 4.61 35.37
CA TYR B 84 18.24 5.95 35.76
C TYR B 84 18.73 6.00 37.20
N GLU B 85 18.75 4.84 37.84
CA GLU B 85 19.24 4.72 39.21
C GLU B 85 18.61 5.70 40.18
N LEU B 86 17.29 5.89 40.08
CA LEU B 86 16.63 6.82 40.97
C LEU B 86 16.59 6.29 42.40
N GLY B 87 16.58 4.97 42.54
CA GLY B 87 16.53 4.39 43.87
C GLY B 87 17.63 4.89 44.79
N GLU C 1 4.05 39.20 16.54
CA GLU C 1 2.71 38.93 17.13
C GLU C 1 2.62 37.53 17.74
N ARG C 2 3.68 36.74 17.59
CA ARG C 2 3.73 35.39 18.16
C ARG C 2 4.85 35.27 19.18
N VAL C 3 4.64 34.40 20.16
CA VAL C 3 5.62 34.19 21.21
C VAL C 3 5.89 32.69 21.41
N VAL C 4 7.15 32.34 21.64
CA VAL C 4 7.50 30.95 21.85
C VAL C 4 7.74 30.69 23.33
N ILE C 5 7.09 29.65 23.87
CA ILE C 5 7.23 29.29 25.27
C ILE C 5 7.88 27.91 25.32
N ASN C 6 9.06 27.82 25.90
CA ASN C 6 9.78 26.56 25.96
C ASN C 6 9.61 25.88 27.31
N ILE C 7 8.79 24.84 27.34
CA ILE C 7 8.58 24.10 28.58
C ILE C 7 9.50 22.89 28.61
N SER C 8 10.63 23.04 29.30
CA SER C 8 11.60 21.98 29.44
C SER C 8 11.94 21.29 28.12
N GLY C 9 12.09 22.09 27.07
CA GLY C 9 12.43 21.55 25.77
C GLY C 9 11.26 21.46 24.80
N LEU C 10 10.04 21.45 25.33
CA LEU C 10 8.84 21.35 24.50
C LEU C 10 8.35 22.74 24.09
N ARG C 11 8.51 23.08 22.82
CA ARG C 11 8.13 24.39 22.32
C ARG C 11 6.67 24.58 21.98
N PHE C 12 6.05 25.58 22.60
CA PHE C 12 4.66 25.93 22.32
C PHE C 12 4.71 27.31 21.70
N GLU C 13 3.84 27.54 20.71
CA GLU C 13 3.76 28.82 20.02
C GLU C 13 2.34 29.35 20.09
N THR C 14 2.19 30.62 20.47
CA THR C 14 0.87 31.24 20.56
C THR C 14 1.00 32.73 20.25
N GLN C 15 -0.13 33.44 20.13
CA GLN C 15 -0.12 34.86 19.82
C GLN C 15 -0.08 35.69 21.12
N LEU C 16 0.45 36.90 21.05
CA LEU C 16 0.50 37.76 22.23
C LEU C 16 -0.92 38.04 22.71
N LYS C 17 -1.81 38.27 21.74
CA LYS C 17 -3.22 38.54 22.02
C LYS C 17 -3.87 37.40 22.80
N THR C 18 -3.43 36.17 22.57
CA THR C 18 -4.01 35.03 23.27
C THR C 18 -3.65 35.12 24.75
N LEU C 19 -2.38 35.39 25.03
CA LEU C 19 -1.92 35.50 26.41
C LEU C 19 -2.50 36.73 27.12
N ALA C 20 -2.57 37.84 26.39
CA ALA C 20 -3.07 39.11 26.91
C ALA C 20 -4.48 39.02 27.49
N GLN C 21 -5.27 38.07 27.02
CA GLN C 21 -6.63 37.90 27.52
C GLN C 21 -6.68 37.90 29.03
N PHE C 22 -5.66 37.32 29.67
CA PHE C 22 -5.63 37.30 31.12
C PHE C 22 -4.37 37.98 31.61
N PRO C 23 -4.42 39.31 31.74
CA PRO C 23 -3.28 40.11 32.19
C PRO C 23 -2.90 39.91 33.66
N GLU C 24 -3.82 39.38 34.44
CA GLU C 24 -3.55 39.16 35.85
C GLU C 24 -2.67 37.91 36.10
N THR C 25 -2.40 37.15 35.04
CA THR C 25 -1.60 35.93 35.18
C THR C 25 -0.12 36.13 34.87
N LEU C 26 0.69 35.13 35.15
CA LEU C 26 2.13 35.17 34.90
C LEU C 26 2.48 35.43 33.43
N LEU C 27 1.87 34.65 32.53
CA LEU C 27 2.11 34.77 31.09
C LEU C 27 1.35 35.94 30.45
N GLY C 28 0.29 36.39 31.11
CA GLY C 28 -0.48 37.50 30.59
C GLY C 28 0.13 38.84 30.96
N ASP C 29 1.03 38.84 31.94
CA ASP C 29 1.66 40.07 32.42
C ASP C 29 3.12 40.21 31.96
N PRO C 30 3.39 41.20 31.09
CA PRO C 30 4.75 41.42 30.57
C PRO C 30 5.83 41.47 31.66
N LYS C 31 5.53 42.13 32.78
CA LYS C 31 6.50 42.26 33.86
C LYS C 31 6.78 40.95 34.59
N LYS C 32 5.82 40.03 34.57
CA LYS C 32 6.05 38.76 35.25
C LYS C 32 6.76 37.76 34.36
N ARG C 33 6.30 37.61 33.13
CA ARG C 33 6.91 36.65 32.21
C ARG C 33 8.31 37.05 31.74
N MET C 34 8.62 38.34 31.82
CA MET C 34 9.92 38.83 31.39
C MET C 34 11.06 38.13 32.13
N ARG C 35 10.80 37.76 33.38
CA ARG C 35 11.80 37.09 34.20
C ARG C 35 12.23 35.76 33.61
N TYR C 36 11.40 35.20 32.74
CA TYR C 36 11.72 33.90 32.14
C TYR C 36 12.14 34.01 30.68
N PHE C 37 12.27 35.23 30.18
CA PHE C 37 12.68 35.44 28.81
C PHE C 37 14.14 35.06 28.62
N ASP C 38 14.42 34.30 27.57
CA ASP C 38 15.77 33.86 27.24
C ASP C 38 16.16 34.60 25.95
N PRO C 39 17.01 35.63 26.07
CA PRO C 39 17.45 36.42 24.91
C PRO C 39 18.11 35.56 23.84
N LEU C 40 19.13 34.81 24.24
CA LEU C 40 19.86 33.96 23.31
C LEU C 40 18.99 33.11 22.40
N ARG C 41 17.75 32.83 22.80
CA ARG C 41 16.87 32.00 21.97
C ARG C 41 15.54 32.64 21.58
N ASN C 42 15.28 33.83 22.10
CA ASN C 42 14.04 34.52 21.80
C ASN C 42 12.81 33.68 22.18
N GLU C 43 12.79 33.21 23.41
CA GLU C 43 11.67 32.42 23.90
C GLU C 43 11.66 32.49 25.43
N TYR C 44 10.53 32.11 26.02
CA TYR C 44 10.40 32.08 27.47
C TYR C 44 10.60 30.65 27.94
N PHE C 45 11.57 30.45 28.83
CA PHE C 45 11.90 29.13 29.33
C PHE C 45 11.44 28.81 30.75
N PHE C 46 10.77 27.67 30.89
CA PHE C 46 10.28 27.18 32.18
C PHE C 46 10.73 25.74 32.39
N ASP C 47 11.48 25.51 33.45
CA ASP C 47 12.01 24.18 33.78
C ASP C 47 10.92 23.45 34.55
N ARG C 48 9.78 23.22 33.90
CA ARG C 48 8.64 22.59 34.58
C ARG C 48 7.95 21.45 33.84
N ASN C 49 6.98 20.85 34.51
CA ASN C 49 6.23 19.73 33.95
C ASN C 49 5.67 20.02 32.56
N ARG C 50 6.00 19.17 31.59
CA ARG C 50 5.55 19.35 30.22
C ARG C 50 4.09 19.00 29.92
N PRO C 51 3.60 17.83 30.40
CA PRO C 51 2.19 17.47 30.13
C PRO C 51 1.13 18.44 30.65
N SER C 52 1.43 19.11 31.75
CA SER C 52 0.50 20.08 32.31
C SER C 52 0.31 21.29 31.41
N PHE C 53 1.35 21.68 30.67
CA PHE C 53 1.24 22.89 29.88
C PHE C 53 0.21 22.92 28.77
N ASP C 54 -0.12 21.77 28.18
CA ASP C 54 -1.14 21.76 27.14
C ASP C 54 -2.42 22.41 27.67
N ALA C 55 -2.78 22.08 28.91
CA ALA C 55 -4.01 22.61 29.53
C ALA C 55 -3.87 24.06 29.96
N ILE C 56 -2.69 24.46 30.40
CA ILE C 56 -2.47 25.85 30.80
C ILE C 56 -2.67 26.76 29.57
N LEU C 57 -2.03 26.39 28.45
CA LEU C 57 -2.16 27.19 27.24
C LEU C 57 -3.59 27.21 26.70
N TYR C 58 -4.25 26.04 26.71
CA TYR C 58 -5.63 25.94 26.22
C TYR C 58 -6.56 26.83 27.03
N TYR C 59 -6.24 27.05 28.31
CA TYR C 59 -7.05 27.91 29.16
C TYR C 59 -7.14 29.32 28.55
N TYR C 60 -6.07 29.75 27.90
CA TYR C 60 -6.05 31.06 27.25
C TYR C 60 -6.75 30.99 25.89
N GLN C 61 -6.43 29.96 25.12
CA GLN C 61 -6.99 29.79 23.79
C GLN C 61 -8.51 29.64 23.83
N SER C 62 -9.00 28.93 24.83
CA SER C 62 -10.44 28.70 25.00
C SER C 62 -11.16 29.89 25.61
N GLY C 63 -10.42 30.91 26.04
CA GLY C 63 -11.06 32.05 26.63
C GLY C 63 -11.52 31.80 28.06
N GLY C 64 -10.84 30.90 28.76
CA GLY C 64 -11.20 30.67 30.15
C GLY C 64 -11.53 29.26 30.61
N ARG C 65 -11.42 28.28 29.73
CA ARG C 65 -11.74 26.91 30.12
C ARG C 65 -10.51 26.20 30.70
N LEU C 66 -10.58 25.85 31.98
CA LEU C 66 -9.47 25.17 32.64
C LEU C 66 -9.78 23.70 32.91
N ARG C 67 -9.11 22.82 32.19
CA ARG C 67 -9.32 21.39 32.38
C ARG C 67 -8.01 20.68 32.70
N ARG C 68 -8.07 19.73 33.61
CA ARG C 68 -6.88 18.97 34.00
C ARG C 68 -6.64 17.81 33.03
N PRO C 69 -5.39 17.63 32.57
CA PRO C 69 -5.15 16.53 31.65
C PRO C 69 -5.30 15.23 32.44
N VAL C 70 -6.24 14.39 32.05
CA VAL C 70 -6.47 13.13 32.72
C VAL C 70 -5.16 12.40 33.02
N ASN C 71 -4.12 12.72 32.27
CA ASN C 71 -2.84 12.07 32.50
C ASN C 71 -1.89 12.82 33.43
N VAL C 72 -2.36 13.92 34.03
CA VAL C 72 -1.53 14.65 34.99
C VAL C 72 -2.23 14.64 36.33
N PRO C 73 -1.55 14.14 37.38
CA PRO C 73 -2.13 14.09 38.73
C PRO C 73 -2.67 15.43 39.21
N LEU C 74 -3.80 15.39 39.91
CA LEU C 74 -4.41 16.61 40.42
C LEU C 74 -3.49 17.46 41.29
N ASP C 75 -2.78 16.85 42.22
CA ASP C 75 -1.91 17.64 43.07
C ASP C 75 -0.81 18.30 42.24
N ILE C 76 -0.25 17.56 41.29
CA ILE C 76 0.77 18.10 40.42
C ILE C 76 0.21 19.22 39.56
N PHE C 77 -0.96 18.99 38.96
CA PHE C 77 -1.54 20.01 38.12
C PHE C 77 -1.92 21.27 38.91
N SER C 78 -2.36 21.09 40.15
CA SER C 78 -2.74 22.21 41.00
C SER C 78 -1.55 23.13 41.24
N GLU C 79 -0.38 22.56 41.49
CA GLU C 79 0.80 23.35 41.71
C GLU C 79 1.11 24.18 40.47
N GLU C 80 0.94 23.58 39.30
CA GLU C 80 1.21 24.31 38.05
C GLU C 80 0.27 25.50 37.93
N ILE C 81 -0.99 25.26 38.24
CA ILE C 81 -2.00 26.32 38.21
C ILE C 81 -1.55 27.51 39.08
N ARG C 82 -1.03 27.22 40.28
CA ARG C 82 -0.58 28.27 41.18
C ARG C 82 0.63 29.00 40.60
N PHE C 83 1.59 28.24 40.09
CA PHE C 83 2.78 28.86 39.52
C PHE C 83 2.45 29.80 38.37
N TYR C 84 1.53 29.41 37.50
CA TYR C 84 1.17 30.26 36.38
C TYR C 84 0.19 31.35 36.81
N GLU C 85 -0.21 31.31 38.07
CA GLU C 85 -1.11 32.28 38.67
C GLU C 85 -2.43 32.48 37.93
N LEU C 86 -3.12 31.38 37.63
CA LEU C 86 -4.39 31.47 36.93
C LEU C 86 -5.53 31.78 37.92
N GLY C 87 -5.35 31.43 39.17
CA GLY C 87 -6.40 31.69 40.14
C GLY C 87 -6.84 33.14 40.08
N GLU D 1 25.16 5.44 12.22
CA GLU D 1 24.69 4.33 13.10
C GLU D 1 23.29 4.63 13.62
N ARG D 2 22.87 5.89 13.50
CA ARG D 2 21.55 6.33 13.95
C ARG D 2 20.61 6.66 12.79
N VAL D 3 19.33 6.36 13.00
CA VAL D 3 18.31 6.58 11.97
C VAL D 3 17.17 7.46 12.48
N VAL D 4 16.63 8.27 11.58
CA VAL D 4 15.54 9.18 11.90
C VAL D 4 14.23 8.66 11.30
N ILE D 5 13.21 8.47 12.12
CA ILE D 5 11.91 7.99 11.64
C ILE D 5 10.87 9.08 11.89
N ASN D 6 10.38 9.67 10.80
CA ASN D 6 9.42 10.75 10.85
C ASN D 6 7.97 10.24 10.74
N ILE D 7 7.26 10.21 11.87
CA ILE D 7 5.87 9.79 11.87
C ILE D 7 4.97 11.03 11.83
N SER D 8 4.41 11.32 10.66
CA SER D 8 3.53 12.47 10.49
C SER D 8 4.05 13.77 11.12
N GLY D 9 5.36 13.97 11.07
CA GLY D 9 5.95 15.17 11.63
C GLY D 9 6.65 14.98 12.97
N LEU D 10 6.42 13.83 13.60
CA LEU D 10 7.05 13.55 14.89
C LEU D 10 8.29 12.70 14.61
N ARG D 11 9.47 13.28 14.85
CA ARG D 11 10.70 12.56 14.59
C ARG D 11 11.20 11.70 15.74
N PHE D 12 11.44 10.44 15.45
CA PHE D 12 11.97 9.51 16.42
C PHE D 12 13.38 9.20 15.90
N GLU D 13 14.31 8.96 16.81
CA GLU D 13 15.69 8.63 16.44
C GLU D 13 16.06 7.39 17.22
N THR D 14 16.72 6.45 16.56
CA THR D 14 17.16 5.21 17.20
C THR D 14 18.40 4.74 16.48
N GLN D 15 19.00 3.65 16.95
CA GLN D 15 20.19 3.13 16.31
C GLN D 15 19.80 2.06 15.30
N LEU D 16 20.65 1.87 14.29
CA LEU D 16 20.40 0.86 13.29
C LEU D 16 20.31 -0.50 13.99
N LYS D 17 21.23 -0.75 14.91
CA LYS D 17 21.28 -2.02 15.62
C LYS D 17 19.99 -2.30 16.40
N THR D 18 19.30 -1.24 16.84
CA THR D 18 18.06 -1.44 17.58
C THR D 18 17.01 -2.03 16.65
N LEU D 19 16.94 -1.48 15.43
CA LEU D 19 15.98 -1.96 14.44
C LEU D 19 16.40 -3.32 13.89
N ALA D 20 17.66 -3.41 13.48
CA ALA D 20 18.23 -4.62 12.92
C ALA D 20 18.04 -5.86 13.79
N GLN D 21 17.52 -5.68 15.00
CA GLN D 21 17.30 -6.81 15.89
C GLN D 21 16.22 -7.74 15.33
N PHE D 22 15.13 -7.15 14.84
CA PHE D 22 14.05 -7.92 14.26
C PHE D 22 14.04 -7.66 12.77
N PRO D 23 14.94 -8.34 12.02
CA PRO D 23 15.05 -8.19 10.58
C PRO D 23 13.84 -8.61 9.73
N GLU D 24 12.89 -9.34 10.30
CA GLU D 24 11.71 -9.80 9.53
C GLU D 24 10.70 -8.66 9.35
N THR D 25 10.72 -7.72 10.28
CA THR D 25 9.81 -6.58 10.27
C THR D 25 10.11 -5.56 9.17
N LEU D 26 9.16 -4.66 8.96
CA LEU D 26 9.27 -3.61 7.96
C LEU D 26 10.50 -2.75 8.26
N LEU D 27 10.59 -2.28 9.49
CA LEU D 27 11.71 -1.42 9.90
C LEU D 27 13.05 -2.17 9.99
N GLY D 28 13.01 -3.46 10.26
CA GLY D 28 14.22 -4.25 10.37
C GLY D 28 14.74 -4.81 9.06
N ASP D 29 13.93 -4.73 8.00
CA ASP D 29 14.32 -5.25 6.70
C ASP D 29 14.69 -4.07 5.82
N PRO D 30 15.96 -3.96 5.40
CA PRO D 30 16.45 -2.87 4.56
C PRO D 30 15.64 -2.73 3.29
N LYS D 31 15.19 -3.85 2.76
CA LYS D 31 14.40 -3.89 1.54
C LYS D 31 13.02 -3.25 1.73
N LYS D 32 12.38 -3.54 2.86
CA LYS D 32 11.06 -3.03 3.16
C LYS D 32 11.01 -1.58 3.61
N ARG D 33 11.90 -1.16 4.50
CA ARG D 33 11.85 0.23 4.95
C ARG D 33 12.31 1.20 3.85
N MET D 34 13.11 0.68 2.92
CA MET D 34 13.62 1.45 1.79
C MET D 34 12.48 2.22 1.11
N ARG D 35 11.33 1.56 1.00
CA ARG D 35 10.14 2.13 0.36
C ARG D 35 9.59 3.36 1.08
N TYR D 36 10.06 3.61 2.29
CA TYR D 36 9.59 4.76 3.03
C TYR D 36 10.75 5.74 3.29
N PHE D 37 11.87 5.47 2.63
CA PHE D 37 13.04 6.34 2.80
C PHE D 37 12.90 7.60 1.97
N ASP D 38 13.24 8.73 2.60
CA ASP D 38 13.18 10.04 1.97
C ASP D 38 14.62 10.52 1.74
N PRO D 39 15.13 10.42 0.50
CA PRO D 39 16.50 10.84 0.20
C PRO D 39 16.69 12.34 0.42
N LEU D 40 15.62 13.10 0.24
CA LEU D 40 15.67 14.55 0.40
C LEU D 40 16.05 14.98 1.82
N ARG D 41 15.55 14.27 2.81
CA ARG D 41 15.79 14.62 4.21
C ARG D 41 16.59 13.57 4.97
N ASN D 42 16.98 12.51 4.27
CA ASN D 42 17.73 11.44 4.88
C ASN D 42 17.02 10.91 6.13
N GLU D 43 15.79 10.46 5.94
CA GLU D 43 14.99 9.92 7.04
C GLU D 43 13.87 9.06 6.45
N TYR D 44 13.19 8.31 7.30
CA TYR D 44 12.07 7.50 6.85
C TYR D 44 10.81 8.26 7.19
N PHE D 45 9.84 8.25 6.29
CA PHE D 45 8.59 8.95 6.54
C PHE D 45 7.35 8.09 6.46
N PHE D 46 6.54 8.14 7.52
CA PHE D 46 5.29 7.40 7.59
C PHE D 46 4.16 8.37 7.94
N ASP D 47 3.18 8.45 7.04
CA ASP D 47 2.03 9.33 7.19
C ASP D 47 1.00 8.56 8.03
N ARG D 48 1.38 8.20 9.25
CA ARG D 48 0.49 7.42 10.09
C ARG D 48 0.31 7.93 11.51
N ASN D 49 -0.49 7.18 12.25
CA ASN D 49 -0.83 7.45 13.64
C ASN D 49 0.44 7.67 14.45
N ARG D 50 0.53 8.82 15.12
CA ARG D 50 1.70 9.17 15.93
C ARG D 50 1.75 8.54 17.32
N PRO D 51 0.64 8.58 18.09
CA PRO D 51 0.68 7.97 19.42
C PRO D 51 1.05 6.49 19.42
N SER D 52 0.78 5.79 18.33
CA SER D 52 1.11 4.37 18.27
C SER D 52 2.61 4.08 18.18
N PHE D 53 3.35 4.98 17.55
CA PHE D 53 4.77 4.70 17.35
C PHE D 53 5.64 4.52 18.58
N ASP D 54 5.37 5.26 19.65
CA ASP D 54 6.18 5.09 20.86
C ASP D 54 6.26 3.60 21.23
N ALA D 55 5.11 2.91 21.13
CA ALA D 55 5.05 1.51 21.50
C ALA D 55 5.70 0.60 20.47
N ILE D 56 5.63 0.99 19.20
CA ILE D 56 6.25 0.19 18.15
C ILE D 56 7.76 0.22 18.34
N LEU D 57 8.33 1.41 18.51
CA LEU D 57 9.76 1.56 18.69
C LEU D 57 10.24 0.88 19.99
N TYR D 58 9.45 1.00 21.06
CA TYR D 58 9.80 0.40 22.33
C TYR D 58 9.90 -1.11 22.20
N TYR D 59 9.12 -1.68 21.29
CA TYR D 59 9.16 -3.11 21.06
C TYR D 59 10.60 -3.52 20.68
N TYR D 60 11.25 -2.70 19.86
CA TYR D 60 12.63 -2.98 19.46
C TYR D 60 13.62 -2.67 20.58
N GLN D 61 13.55 -1.46 21.11
CA GLN D 61 14.45 -1.03 22.17
C GLN D 61 14.43 -1.99 23.35
N SER D 62 13.25 -2.51 23.67
CA SER D 62 13.12 -3.45 24.80
C SER D 62 13.51 -4.88 24.43
N GLY D 63 13.83 -5.12 23.17
CA GLY D 63 14.20 -6.46 22.76
C GLY D 63 13.03 -7.43 22.63
N GLY D 64 11.83 -6.93 22.36
CA GLY D 64 10.70 -7.82 22.20
C GLY D 64 9.44 -7.54 23.00
N ARG D 65 9.45 -6.51 23.84
CA ARG D 65 8.27 -6.19 24.64
C ARG D 65 7.27 -5.29 23.91
N LEU D 66 6.15 -5.87 23.51
CA LEU D 66 5.10 -5.14 22.81
C LEU D 66 3.89 -4.81 23.70
N ARG D 67 3.69 -3.53 24.00
CA ARG D 67 2.56 -3.10 24.82
C ARG D 67 1.76 -2.02 24.10
N ARG D 68 0.46 -2.03 24.34
CA ARG D 68 -0.43 -1.06 23.72
C ARG D 68 -0.56 0.19 24.59
N PRO D 69 -0.33 1.37 24.00
CA PRO D 69 -0.44 2.62 24.76
C PRO D 69 -1.89 2.71 25.18
N VAL D 70 -2.13 2.71 26.49
CA VAL D 70 -3.50 2.78 26.99
C VAL D 70 -4.31 3.81 26.24
N ASN D 71 -3.65 4.84 25.72
CA ASN D 71 -4.36 5.89 25.01
C ASN D 71 -4.63 5.60 23.54
N VAL D 72 -4.26 4.42 23.06
CA VAL D 72 -4.56 4.08 21.67
C VAL D 72 -5.47 2.87 21.63
N PRO D 73 -6.62 3.00 20.99
CA PRO D 73 -7.58 1.90 20.90
C PRO D 73 -6.94 0.60 20.36
N LEU D 74 -7.38 -0.53 20.90
CA LEU D 74 -6.85 -1.83 20.51
C LEU D 74 -6.95 -2.09 19.01
N ASP D 75 -8.09 -1.78 18.41
CA ASP D 75 -8.24 -2.01 16.98
C ASP D 75 -7.31 -1.10 16.18
N ILE D 76 -7.18 0.15 16.58
CA ILE D 76 -6.28 1.05 15.87
C ILE D 76 -4.83 0.55 15.98
N PHE D 77 -4.39 0.27 17.20
CA PHE D 77 -3.02 -0.18 17.43
C PHE D 77 -2.72 -1.51 16.74
N SER D 78 -3.72 -2.38 16.63
CA SER D 78 -3.52 -3.67 15.98
C SER D 78 -3.21 -3.50 14.49
N GLU D 79 -3.84 -2.53 13.85
CA GLU D 79 -3.61 -2.28 12.43
C GLU D 79 -2.19 -1.74 12.26
N GLU D 80 -1.73 -0.96 13.23
CA GLU D 80 -0.37 -0.42 13.17
C GLU D 80 0.63 -1.56 13.27
N ILE D 81 0.38 -2.49 14.20
CA ILE D 81 1.27 -3.63 14.37
C ILE D 81 1.38 -4.41 13.05
N ARG D 82 0.25 -4.68 12.41
CA ARG D 82 0.24 -5.39 11.14
C ARG D 82 1.04 -4.60 10.12
N PHE D 83 0.81 -3.29 10.04
CA PHE D 83 1.54 -2.47 9.07
C PHE D 83 3.04 -2.54 9.27
N TYR D 84 3.50 -2.49 10.52
CA TYR D 84 4.93 -2.56 10.79
C TYR D 84 5.41 -4.00 10.74
N GLU D 85 4.48 -4.89 10.45
CA GLU D 85 4.75 -6.32 10.33
C GLU D 85 5.54 -6.93 11.49
N LEU D 86 5.16 -6.66 12.73
CA LEU D 86 5.88 -7.22 13.86
C LEU D 86 5.55 -8.70 14.10
N GLY D 87 4.33 -9.11 13.76
CA GLY D 87 3.94 -10.50 13.98
C GLY D 87 4.79 -11.54 13.25
N GLU E 1 -6.60 -16.65 2.03
CA GLU E 1 -5.23 -16.11 1.84
C GLU E 1 -5.01 -15.66 0.40
N ARG E 2 -5.82 -16.20 -0.51
CA ARG E 2 -5.72 -15.86 -1.93
C ARG E 2 -6.92 -15.06 -2.39
N VAL E 3 -6.67 -14.07 -3.23
CA VAL E 3 -7.72 -13.21 -3.75
C VAL E 3 -7.83 -13.34 -5.26
N VAL E 4 -9.06 -13.38 -5.74
CA VAL E 4 -9.34 -13.46 -7.17
C VAL E 4 -9.68 -12.04 -7.64
N ILE E 5 -9.02 -11.62 -8.71
CA ILE E 5 -9.25 -10.29 -9.29
C ILE E 5 -9.61 -10.50 -10.76
N ASN E 6 -10.87 -10.21 -11.08
CA ASN E 6 -11.42 -10.38 -12.41
C ASN E 6 -11.37 -9.07 -13.20
N ILE E 7 -10.49 -9.01 -14.20
CA ILE E 7 -10.34 -7.83 -15.04
C ILE E 7 -11.09 -8.11 -16.32
N SER E 8 -12.29 -7.53 -16.44
CA SER E 8 -13.11 -7.70 -17.64
C SER E 8 -13.18 -9.15 -18.10
N GLY E 9 -13.22 -10.07 -17.13
CA GLY E 9 -13.31 -11.48 -17.48
C GLY E 9 -12.01 -12.23 -17.37
N LEU E 10 -10.89 -11.53 -17.42
CA LEU E 10 -9.59 -12.18 -17.30
C LEU E 10 -9.31 -12.36 -15.81
N ARG E 11 -9.25 -13.61 -15.36
CA ARG E 11 -9.05 -13.91 -13.96
C ARG E 11 -7.61 -13.93 -13.47
N PHE E 12 -7.34 -13.11 -12.45
CA PHE E 12 -6.01 -13.06 -11.84
C PHE E 12 -6.20 -13.53 -10.41
N GLU E 13 -5.15 -14.14 -9.85
CA GLU E 13 -5.18 -14.63 -8.49
C GLU E 13 -3.83 -14.34 -7.85
N THR E 14 -3.85 -13.90 -6.60
CA THR E 14 -2.61 -13.61 -5.88
C THR E 14 -2.90 -13.78 -4.39
N GLN E 15 -1.87 -13.59 -3.56
CA GLN E 15 -2.05 -13.71 -2.11
C GLN E 15 -2.34 -12.35 -1.52
N LEU E 16 -3.14 -12.33 -0.44
CA LEU E 16 -3.48 -11.06 0.19
C LEU E 16 -2.24 -10.33 0.67
N LYS E 17 -1.27 -11.06 1.23
CA LYS E 17 -0.06 -10.39 1.69
C LYS E 17 0.66 -9.75 0.51
N THR E 18 0.47 -10.28 -0.69
CA THR E 18 1.12 -9.70 -1.86
C THR E 18 0.61 -8.27 -2.07
N LEU E 19 -0.70 -8.10 -1.96
CA LEU E 19 -1.33 -6.80 -2.13
C LEU E 19 -1.08 -5.94 -0.88
N ALA E 20 -1.14 -6.59 0.29
CA ALA E 20 -0.95 -5.94 1.58
C ALA E 20 0.36 -5.15 1.67
N GLN E 21 1.36 -5.56 0.89
CA GLN E 21 2.65 -4.89 0.86
C GLN E 21 2.47 -3.37 0.71
N PHE E 22 1.68 -2.96 -0.28
CA PHE E 22 1.43 -1.55 -0.55
C PHE E 22 0.02 -1.16 -0.11
N PRO E 23 -0.19 -0.90 1.19
CA PRO E 23 -1.52 -0.53 1.71
C PRO E 23 -2.04 0.82 1.22
N GLU E 24 -1.17 1.63 0.62
CA GLU E 24 -1.59 2.93 0.15
C GLU E 24 -2.27 2.88 -1.22
N THR E 25 -2.10 1.76 -1.92
CA THR E 25 -2.70 1.57 -3.24
C THR E 25 -4.15 1.10 -3.09
N LEU E 26 -4.92 1.19 -4.17
CA LEU E 26 -6.31 0.78 -4.15
C LEU E 26 -6.48 -0.70 -3.74
N LEU E 27 -5.72 -1.57 -4.39
CA LEU E 27 -5.78 -3.01 -4.11
C LEU E 27 -5.24 -3.40 -2.74
N GLY E 28 -4.28 -2.63 -2.22
CA GLY E 28 -3.73 -2.94 -0.91
C GLY E 28 -4.56 -2.39 0.23
N ASP E 29 -5.51 -1.52 -0.10
CA ASP E 29 -6.36 -0.90 0.90
C ASP E 29 -7.74 -1.55 0.92
N PRO E 30 -8.03 -2.38 1.93
CA PRO E 30 -9.33 -3.05 2.02
C PRO E 30 -10.54 -2.11 1.94
N LYS E 31 -10.34 -0.86 2.35
CA LYS E 31 -11.42 0.11 2.31
C LYS E 31 -11.68 0.57 0.87
N LYS E 32 -10.63 0.61 0.07
CA LYS E 32 -10.75 1.03 -1.32
C LYS E 32 -11.18 -0.08 -2.27
N ARG E 33 -10.70 -1.30 -2.04
CA ARG E 33 -11.05 -2.41 -2.92
C ARG E 33 -12.43 -3.01 -2.67
N MET E 34 -12.94 -2.84 -1.45
CA MET E 34 -14.26 -3.36 -1.07
C MET E 34 -15.32 -2.93 -2.09
N ARG E 35 -15.14 -1.74 -2.62
CA ARG E 35 -16.05 -1.16 -3.60
C ARG E 35 -16.18 -1.99 -4.89
N TYR E 36 -15.17 -2.80 -5.18
CA TYR E 36 -15.18 -3.62 -6.38
C TYR E 36 -15.38 -5.10 -6.08
N PHE E 37 -15.60 -5.42 -4.82
CA PHE E 37 -15.78 -6.81 -4.43
C PHE E 37 -17.15 -7.36 -4.79
N ASP E 38 -17.17 -8.61 -5.24
CA ASP E 38 -18.41 -9.28 -5.61
C ASP E 38 -18.56 -10.52 -4.71
N PRO E 39 -19.35 -10.40 -3.65
CA PRO E 39 -19.59 -11.50 -2.70
C PRO E 39 -20.12 -12.76 -3.37
N LEU E 40 -21.00 -12.58 -4.35
CA LEU E 40 -21.57 -13.71 -5.07
C LEU E 40 -20.52 -14.62 -5.71
N ARG E 41 -19.47 -14.03 -6.28
CA ARG E 41 -18.46 -14.85 -6.92
C ARG E 41 -17.14 -14.84 -6.18
N ASN E 42 -17.13 -14.17 -5.03
CA ASN E 42 -15.93 -14.08 -4.21
C ASN E 42 -14.71 -13.62 -4.99
N GLU E 43 -14.85 -12.47 -5.65
CA GLU E 43 -13.77 -11.89 -6.46
C GLU E 43 -13.98 -10.39 -6.60
N TYR E 44 -12.91 -9.70 -6.99
CA TYR E 44 -13.00 -8.27 -7.23
C TYR E 44 -13.17 -8.17 -8.74
N PHE E 45 -14.02 -7.26 -9.19
CA PHE E 45 -14.24 -7.09 -10.61
C PHE E 45 -13.94 -5.68 -11.07
N PHE E 46 -13.11 -5.58 -12.12
CA PHE E 46 -12.77 -4.30 -12.68
C PHE E 46 -13.09 -4.33 -14.17
N ASP E 47 -13.95 -3.42 -14.59
CA ASP E 47 -14.38 -3.31 -15.98
C ASP E 47 -13.34 -2.44 -16.67
N ARG E 48 -12.08 -2.91 -16.67
CA ARG E 48 -10.98 -2.15 -17.25
C ARG E 48 -10.08 -2.90 -18.23
N ASN E 49 -9.06 -2.17 -18.71
CA ASN E 49 -8.07 -2.68 -19.65
C ASN E 49 -7.37 -3.95 -19.17
N ARG E 50 -7.49 -5.01 -19.96
CA ARG E 50 -6.90 -6.30 -19.64
C ARG E 50 -5.36 -6.43 -19.74
N PRO E 51 -4.78 -6.04 -20.89
CA PRO E 51 -3.30 -6.15 -21.02
C PRO E 51 -2.43 -5.40 -20.01
N SER E 52 -2.94 -4.33 -19.40
CA SER E 52 -2.16 -3.60 -18.41
C SER E 52 -2.03 -4.32 -17.07
N PHE E 53 -3.02 -5.11 -16.71
CA PHE E 53 -2.98 -5.74 -15.40
C PHE E 53 -1.80 -6.65 -15.07
N ASP E 54 -1.26 -7.37 -16.06
CA ASP E 54 -0.10 -8.22 -15.80
C ASP E 54 0.97 -7.39 -15.08
N ALA E 55 1.25 -6.21 -15.60
CA ALA E 55 2.25 -5.32 -15.03
C ALA E 55 1.81 -4.75 -13.69
N ILE E 56 0.50 -4.49 -13.55
CA ILE E 56 0.01 -3.94 -12.29
C ILE E 56 0.22 -5.00 -11.19
N LEU E 57 -0.17 -6.24 -11.47
CA LEU E 57 0.00 -7.29 -10.47
C LEU E 57 1.49 -7.55 -10.22
N TYR E 58 2.30 -7.47 -11.27
CA TYR E 58 3.73 -7.71 -11.13
C TYR E 58 4.39 -6.67 -10.21
N TYR E 59 3.82 -5.48 -10.18
CA TYR E 59 4.33 -4.43 -9.30
C TYR E 59 4.34 -4.97 -7.87
N TYR E 60 3.23 -5.57 -7.43
CA TYR E 60 3.14 -6.12 -6.08
C TYR E 60 4.06 -7.33 -5.89
N GLN E 61 3.90 -8.33 -6.75
CA GLN E 61 4.70 -9.54 -6.67
C GLN E 61 6.21 -9.25 -6.58
N SER E 62 6.71 -8.38 -7.45
CA SER E 62 8.13 -8.03 -7.48
C SER E 62 8.60 -7.13 -6.35
N GLY E 63 7.66 -6.60 -5.56
CA GLY E 63 8.06 -5.74 -4.47
C GLY E 63 8.28 -4.28 -4.83
N GLY E 64 7.70 -3.85 -5.94
CA GLY E 64 7.85 -2.45 -6.33
C GLY E 64 8.36 -2.15 -7.73
N ARG E 65 8.48 -3.17 -8.57
CA ARG E 65 8.97 -2.99 -9.93
C ARG E 65 7.86 -2.66 -10.93
N LEU E 66 7.78 -1.38 -11.33
CA LEU E 66 6.76 -0.93 -12.27
C LEU E 66 7.25 -0.89 -13.71
N ARG E 67 6.87 -1.87 -14.52
CA ARG E 67 7.27 -1.94 -15.93
C ARG E 67 6.07 -1.87 -16.84
N ARG E 68 6.11 -0.98 -17.81
CA ARG E 68 5.01 -0.86 -18.75
C ARG E 68 5.12 -1.94 -19.82
N PRO E 69 4.04 -2.69 -20.03
CA PRO E 69 4.11 -3.74 -21.06
C PRO E 69 4.34 -3.05 -22.40
N VAL E 70 5.47 -3.32 -23.02
CA VAL E 70 5.80 -2.69 -24.30
C VAL E 70 4.69 -2.82 -25.33
N ASN E 71 3.68 -3.64 -25.05
CA ASN E 71 2.57 -3.81 -26.00
C ASN E 71 1.37 -2.94 -25.64
N VAL E 72 1.48 -2.20 -24.54
CA VAL E 72 0.40 -1.31 -24.08
C VAL E 72 0.87 0.13 -24.13
N PRO E 73 0.13 0.99 -24.86
CA PRO E 73 0.46 2.42 -24.99
C PRO E 73 0.73 3.14 -23.67
N LEU E 74 1.57 4.17 -23.73
CA LEU E 74 1.93 4.93 -22.55
C LEU E 74 0.71 5.56 -21.86
N ASP E 75 -0.12 6.23 -22.64
CA ASP E 75 -1.30 6.90 -22.12
C ASP E 75 -2.31 5.93 -21.48
N ILE E 76 -2.48 4.77 -22.09
CA ILE E 76 -3.41 3.78 -21.55
C ILE E 76 -2.86 3.24 -20.22
N PHE E 77 -1.59 2.87 -20.21
CA PHE E 77 -0.97 2.35 -19.00
C PHE E 77 -0.95 3.41 -17.90
N SER E 78 -0.63 4.64 -18.28
CA SER E 78 -0.59 5.75 -17.33
C SER E 78 -1.94 5.84 -16.60
N GLU E 79 -3.03 5.82 -17.36
CA GLU E 79 -4.35 5.89 -16.75
C GLU E 79 -4.55 4.73 -15.77
N GLU E 80 -4.11 3.53 -16.12
CA GLU E 80 -4.28 2.43 -15.19
C GLU E 80 -3.44 2.65 -13.92
N ILE E 81 -2.23 3.19 -14.07
CA ILE E 81 -1.38 3.45 -12.91
C ILE E 81 -2.10 4.39 -11.95
N ARG E 82 -2.72 5.44 -12.51
CA ARG E 82 -3.44 6.42 -11.71
C ARG E 82 -4.62 5.78 -10.98
N PHE E 83 -5.45 5.08 -11.74
CA PHE E 83 -6.61 4.42 -11.17
C PHE E 83 -6.27 3.51 -10.01
N TYR E 84 -5.28 2.64 -10.21
CA TYR E 84 -4.90 1.71 -9.15
C TYR E 84 -4.09 2.42 -8.08
N GLU E 85 -3.89 3.73 -8.28
CA GLU E 85 -3.14 4.57 -7.34
C GLU E 85 -1.79 3.98 -6.95
N LEU E 86 -0.99 3.59 -7.93
CA LEU E 86 0.33 3.02 -7.62
C LEU E 86 1.37 4.12 -7.44
N GLY E 87 1.06 5.30 -7.98
CA GLY E 87 1.99 6.42 -7.85
C GLY E 87 2.10 6.91 -6.41
N GLU F 1 -22.34 -28.82 -32.52
CA GLU F 1 -21.73 -27.98 -33.60
C GLU F 1 -20.59 -27.14 -33.06
N ARG F 2 -20.34 -27.25 -31.75
CA ARG F 2 -19.25 -26.50 -31.14
C ARG F 2 -18.23 -27.43 -30.52
N VAL F 3 -16.97 -27.15 -30.80
CA VAL F 3 -15.85 -27.95 -30.32
C VAL F 3 -14.85 -27.14 -29.49
N VAL F 4 -14.41 -27.73 -28.39
CA VAL F 4 -13.45 -27.11 -27.48
C VAL F 4 -12.08 -27.69 -27.78
N ILE F 5 -11.06 -26.84 -27.84
CA ILE F 5 -9.70 -27.28 -28.10
C ILE F 5 -8.81 -26.68 -27.03
N ASN F 6 -8.28 -27.55 -26.19
CA ASN F 6 -7.44 -27.15 -25.08
C ASN F 6 -5.95 -27.30 -25.41
N ILE F 7 -5.28 -26.17 -25.59
CA ILE F 7 -3.85 -26.15 -25.90
C ILE F 7 -3.08 -25.87 -24.62
N SER F 8 -2.49 -26.91 -24.03
CA SER F 8 -1.72 -26.78 -22.81
C SER F 8 -2.44 -25.94 -21.75
N GLY F 9 -3.76 -26.10 -21.66
CA GLY F 9 -4.52 -25.34 -20.66
C GLY F 9 -5.26 -24.14 -21.23
N LEU F 10 -4.90 -23.70 -22.43
CA LEU F 10 -5.58 -22.55 -23.03
C LEU F 10 -6.77 -23.03 -23.87
N ARG F 11 -7.97 -22.69 -23.39
CA ARG F 11 -9.22 -23.10 -24.03
C ARG F 11 -9.68 -22.29 -25.22
N PHE F 12 -9.75 -22.94 -26.37
CA PHE F 12 -10.24 -22.31 -27.60
C PHE F 12 -11.55 -23.01 -27.93
N GLU F 13 -12.45 -22.30 -28.59
CA GLU F 13 -13.75 -22.85 -28.98
C GLU F 13 -14.13 -22.38 -30.38
N THR F 14 -14.63 -23.30 -31.18
CA THR F 14 -15.01 -22.95 -32.55
C THR F 14 -16.15 -23.86 -32.99
N GLN F 15 -16.69 -23.62 -34.18
CA GLN F 15 -17.79 -24.42 -34.68
C GLN F 15 -17.25 -25.60 -35.49
N LEU F 16 -17.91 -26.74 -35.43
CA LEU F 16 -17.47 -27.91 -36.19
C LEU F 16 -17.33 -27.51 -37.66
N LYS F 17 -18.36 -26.86 -38.19
CA LYS F 17 -18.32 -26.42 -39.57
C LYS F 17 -17.04 -25.65 -39.88
N THR F 18 -16.58 -24.82 -38.95
CA THR F 18 -15.35 -24.05 -39.18
C THR F 18 -14.14 -24.94 -39.40
N LEU F 19 -14.07 -26.05 -38.70
CA LEU F 19 -12.95 -26.98 -38.87
C LEU F 19 -13.24 -27.82 -40.11
N ALA F 20 -14.48 -28.28 -40.23
CA ALA F 20 -14.91 -29.10 -41.35
C ALA F 20 -14.53 -28.50 -42.70
N GLN F 21 -14.44 -27.18 -42.78
CA GLN F 21 -14.08 -26.51 -44.02
C GLN F 21 -12.87 -27.17 -44.66
N PHE F 22 -11.90 -27.53 -43.83
CA PHE F 22 -10.68 -28.15 -44.32
C PHE F 22 -10.48 -29.57 -43.77
N PRO F 23 -11.27 -30.53 -44.28
CA PRO F 23 -11.21 -31.94 -43.85
C PRO F 23 -9.87 -32.62 -44.02
N GLU F 24 -8.95 -32.05 -44.79
CA GLU F 24 -7.66 -32.69 -44.98
C GLU F 24 -6.72 -32.48 -43.78
N THR F 25 -7.04 -31.50 -42.95
CA THR F 25 -6.21 -31.21 -41.78
C THR F 25 -6.54 -32.14 -40.61
N LEU F 26 -5.68 -32.09 -39.59
CA LEU F 26 -5.82 -32.90 -38.39
C LEU F 26 -7.10 -32.55 -37.63
N LEU F 27 -7.30 -31.26 -37.38
CA LEU F 27 -8.48 -30.83 -36.65
C LEU F 27 -9.73 -30.96 -37.49
N GLY F 28 -9.57 -30.90 -38.81
CA GLY F 28 -10.71 -31.02 -39.69
C GLY F 28 -11.12 -32.46 -39.99
N ASP F 29 -10.28 -33.42 -39.63
CA ASP F 29 -10.53 -34.84 -39.88
C ASP F 29 -10.93 -35.51 -38.57
N PRO F 30 -12.21 -35.90 -38.41
CA PRO F 30 -12.60 -36.56 -37.15
C PRO F 30 -11.80 -37.82 -36.84
N LYS F 31 -11.17 -38.39 -37.87
CA LYS F 31 -10.41 -39.60 -37.68
C LYS F 31 -9.03 -39.32 -37.09
N LYS F 32 -8.46 -38.18 -37.46
CA LYS F 32 -7.14 -37.78 -36.98
C LYS F 32 -7.17 -37.08 -35.63
N ARG F 33 -8.27 -36.42 -35.31
CA ARG F 33 -8.38 -35.71 -34.04
C ARG F 33 -8.90 -36.56 -32.86
N MET F 34 -9.55 -37.69 -33.17
CA MET F 34 -10.09 -38.58 -32.14
C MET F 34 -9.00 -38.94 -31.13
N ARG F 35 -7.79 -39.09 -31.66
CA ARG F 35 -6.60 -39.43 -30.89
C ARG F 35 -6.29 -38.41 -29.78
N TYR F 36 -6.75 -37.18 -29.95
CA TYR F 36 -6.51 -36.14 -28.97
C TYR F 36 -7.72 -35.77 -28.16
N PHE F 37 -8.80 -36.55 -28.30
CA PHE F 37 -10.02 -36.25 -27.57
C PHE F 37 -9.99 -36.73 -26.13
N ASP F 38 -10.52 -35.89 -25.25
CA ASP F 38 -10.61 -36.19 -23.82
C ASP F 38 -12.11 -36.27 -23.53
N PRO F 39 -12.66 -37.50 -23.47
CA PRO F 39 -14.09 -37.69 -23.20
C PRO F 39 -14.51 -37.13 -21.84
N LEU F 40 -13.62 -37.21 -20.85
CA LEU F 40 -13.95 -36.71 -19.53
C LEU F 40 -14.24 -35.21 -19.51
N ARG F 41 -13.50 -34.42 -20.27
CA ARG F 41 -13.73 -32.98 -20.28
C ARG F 41 -14.36 -32.50 -21.58
N ASN F 42 -14.73 -33.44 -22.44
CA ASN F 42 -15.35 -33.12 -23.72
C ASN F 42 -14.58 -32.03 -24.49
N GLU F 43 -13.29 -32.25 -24.68
CA GLU F 43 -12.45 -31.30 -25.39
C GLU F 43 -11.24 -32.03 -25.98
N TYR F 44 -10.64 -31.44 -27.01
CA TYR F 44 -9.45 -32.00 -27.62
C TYR F 44 -8.27 -31.37 -26.87
N PHE F 45 -7.31 -32.19 -26.47
CA PHE F 45 -6.16 -31.67 -25.74
C PHE F 45 -4.84 -31.83 -26.46
N PHE F 46 -4.09 -30.73 -26.54
CA PHE F 46 -2.78 -30.74 -27.18
C PHE F 46 -1.75 -30.13 -26.23
N ASP F 47 -0.69 -30.90 -25.95
CA ASP F 47 0.38 -30.45 -25.08
C ASP F 47 1.36 -29.68 -25.99
N ARG F 48 0.89 -28.58 -26.56
CA ARG F 48 1.71 -27.81 -27.49
C ARG F 48 1.82 -26.30 -27.25
N ASN F 49 2.49 -25.62 -28.17
CA ASN F 49 2.72 -24.18 -28.09
C ASN F 49 1.42 -23.40 -28.10
N ARG F 50 1.21 -22.63 -27.04
CA ARG F 50 0.00 -21.83 -26.86
C ARG F 50 -0.13 -20.61 -27.78
N PRO F 51 0.88 -19.72 -27.78
CA PRO F 51 0.85 -18.52 -28.63
C PRO F 51 0.69 -18.75 -30.14
N SER F 52 0.97 -19.95 -30.60
CA SER F 52 0.84 -20.23 -32.02
C SER F 52 -0.59 -20.60 -32.45
N PHE F 53 -1.38 -21.13 -31.52
CA PHE F 53 -2.71 -21.57 -31.89
C PHE F 53 -3.70 -20.49 -32.32
N ASP F 54 -3.53 -19.26 -31.86
CA ASP F 54 -4.44 -18.20 -32.30
C ASP F 54 -4.43 -18.17 -33.83
N ALA F 55 -3.23 -18.20 -34.40
CA ALA F 55 -3.09 -18.17 -35.85
C ALA F 55 -3.61 -19.44 -36.52
N ILE F 56 -3.36 -20.59 -35.91
CA ILE F 56 -3.83 -21.85 -36.48
C ILE F 56 -5.35 -21.79 -36.61
N LEU F 57 -6.02 -21.29 -35.57
CA LEU F 57 -7.47 -21.19 -35.59
C LEU F 57 -7.92 -20.13 -36.59
N TYR F 58 -7.20 -19.02 -36.65
CA TYR F 58 -7.55 -17.96 -37.57
C TYR F 58 -7.51 -18.48 -39.02
N TYR F 59 -6.62 -19.43 -39.28
CA TYR F 59 -6.51 -20.01 -40.61
C TYR F 59 -7.89 -20.56 -41.02
N TYR F 60 -8.51 -21.32 -40.12
CA TYR F 60 -9.83 -21.88 -40.39
C TYR F 60 -10.91 -20.83 -40.48
N GLN F 61 -10.89 -19.89 -39.53
CA GLN F 61 -11.90 -18.86 -39.46
C GLN F 61 -11.85 -17.90 -40.62
N SER F 62 -10.65 -17.52 -41.03
CA SER F 62 -10.47 -16.59 -42.14
C SER F 62 -10.76 -17.25 -43.48
N GLY F 63 -10.96 -18.57 -43.47
CA GLY F 63 -11.23 -19.28 -44.70
C GLY F 63 -9.97 -19.59 -45.49
N GLY F 64 -8.86 -19.78 -44.79
CA GLY F 64 -7.62 -20.13 -45.46
C GLY F 64 -6.44 -19.19 -45.28
N ARG F 65 -6.66 -18.04 -44.66
CA ARG F 65 -5.58 -17.09 -44.46
C ARG F 65 -4.58 -17.53 -43.39
N LEU F 66 -3.43 -18.05 -43.82
CA LEU F 66 -2.42 -18.49 -42.88
C LEU F 66 -1.47 -17.33 -42.60
N ARG F 67 -1.45 -16.86 -41.36
CA ARG F 67 -0.61 -15.74 -40.93
C ARG F 67 0.20 -16.12 -39.69
N ARG F 68 1.50 -15.88 -39.72
CA ARG F 68 2.35 -16.20 -38.58
C ARG F 68 2.41 -15.04 -37.62
N PRO F 69 2.10 -15.30 -36.33
CA PRO F 69 2.14 -14.24 -35.32
C PRO F 69 3.55 -13.64 -35.25
N VAL F 70 3.63 -12.32 -35.17
CA VAL F 70 4.92 -11.64 -35.09
C VAL F 70 5.62 -11.96 -33.78
N ASN F 71 4.87 -12.50 -32.83
CA ASN F 71 5.44 -12.84 -31.52
C ASN F 71 5.87 -14.30 -31.46
N VAL F 72 5.70 -15.03 -32.56
CA VAL F 72 6.09 -16.44 -32.61
C VAL F 72 7.11 -16.76 -33.70
N PRO F 73 8.31 -17.17 -33.28
CA PRO F 73 9.41 -17.52 -34.17
C PRO F 73 8.98 -18.45 -35.31
N LEU F 74 9.50 -18.18 -36.50
CA LEU F 74 9.16 -18.97 -37.68
C LEU F 74 9.39 -20.48 -37.54
N ASP F 75 10.49 -20.89 -36.92
CA ASP F 75 10.77 -22.32 -36.77
C ASP F 75 9.74 -22.99 -35.86
N ILE F 76 9.29 -22.27 -34.85
CA ILE F 76 8.30 -22.80 -33.91
C ILE F 76 6.93 -22.89 -34.57
N PHE F 77 6.60 -21.91 -35.40
CA PHE F 77 5.32 -21.89 -36.07
C PHE F 77 5.23 -22.95 -37.17
N SER F 78 6.34 -23.14 -37.90
CA SER F 78 6.36 -24.14 -38.95
C SER F 78 6.05 -25.50 -38.35
N GLU F 79 6.70 -25.79 -37.22
CA GLU F 79 6.50 -27.06 -36.53
C GLU F 79 5.01 -27.25 -36.26
N GLU F 80 4.35 -26.19 -35.80
CA GLU F 80 2.93 -26.28 -35.52
C GLU F 80 2.17 -26.51 -36.83
N ILE F 81 2.50 -25.72 -37.85
CA ILE F 81 1.87 -25.86 -39.16
C ILE F 81 1.89 -27.31 -39.62
N ARG F 82 3.04 -27.94 -39.47
CA ARG F 82 3.19 -29.34 -39.88
C ARG F 82 2.31 -30.25 -39.04
N PHE F 83 2.51 -30.25 -37.73
CA PHE F 83 1.73 -31.09 -36.83
C PHE F 83 0.23 -31.01 -37.12
N TYR F 84 -0.29 -29.81 -37.23
CA TYR F 84 -1.72 -29.65 -37.50
C TYR F 84 -2.07 -29.99 -38.96
N GLU F 85 -1.04 -30.27 -39.77
CA GLU F 85 -1.22 -30.67 -41.17
C GLU F 85 -1.98 -29.64 -42.03
N LEU F 86 -1.49 -28.41 -42.05
CA LEU F 86 -2.15 -27.35 -42.82
C LEU F 86 -1.81 -27.34 -44.30
N GLY F 87 -0.50 -27.25 -44.61
CA GLY F 87 -0.07 -27.22 -45.99
C GLY F 87 -0.44 -28.45 -46.81
N GLU G 1 -26.56 -7.07 -14.78
CA GLU G 1 -25.94 -5.82 -15.30
C GLU G 1 -24.57 -6.09 -15.93
N ARG G 2 -24.20 -7.37 -15.97
CA ARG G 2 -22.92 -7.80 -16.55
C ARG G 2 -23.16 -8.80 -17.69
N VAL G 3 -22.51 -8.54 -18.81
CA VAL G 3 -22.62 -9.39 -19.99
C VAL G 3 -21.29 -10.09 -20.27
N VAL G 4 -21.36 -11.37 -20.58
CA VAL G 4 -20.18 -12.17 -20.89
C VAL G 4 -20.08 -12.36 -22.40
N ILE G 5 -18.90 -12.08 -22.97
CA ILE G 5 -18.70 -12.25 -24.40
C ILE G 5 -17.57 -13.24 -24.60
N ASN G 6 -17.91 -14.37 -25.22
CA ASN G 6 -16.98 -15.47 -25.47
C ASN G 6 -16.47 -15.37 -26.89
N ILE G 7 -15.19 -15.04 -27.05
CA ILE G 7 -14.59 -14.93 -28.37
C ILE G 7 -13.74 -16.18 -28.62
N SER G 8 -14.33 -17.20 -29.25
CA SER G 8 -13.61 -18.43 -29.53
C SER G 8 -12.95 -19.03 -28.27
N GLY G 9 -13.68 -19.05 -27.16
CA GLY G 9 -13.14 -19.62 -25.94
C GLY G 9 -12.61 -18.61 -24.96
N LEU G 10 -12.20 -17.43 -25.44
CA LEU G 10 -11.67 -16.40 -24.55
C LEU G 10 -12.83 -15.57 -24.00
N ARG G 11 -13.06 -15.66 -22.69
CA ARG G 11 -14.14 -14.95 -22.03
C ARG G 11 -13.86 -13.51 -21.65
N PHE G 12 -14.76 -12.63 -22.04
CA PHE G 12 -14.66 -11.23 -21.68
C PHE G 12 -15.93 -10.93 -20.89
N GLU G 13 -15.85 -9.97 -19.97
CA GLU G 13 -17.02 -9.60 -19.17
C GLU G 13 -17.01 -8.09 -19.00
N THR G 14 -18.17 -7.47 -19.13
CA THR G 14 -18.27 -6.03 -18.96
C THR G 14 -19.65 -5.71 -18.44
N GLN G 15 -19.97 -4.42 -18.29
CA GLN G 15 -21.29 -4.00 -17.81
C GLN G 15 -22.14 -3.63 -19.02
N LEU G 16 -23.45 -3.80 -18.90
CA LEU G 16 -24.34 -3.43 -19.99
C LEU G 16 -24.13 -1.95 -20.35
N LYS G 17 -24.04 -1.11 -19.33
CA LYS G 17 -23.85 0.32 -19.57
C LYS G 17 -22.57 0.60 -20.36
N THR G 18 -21.62 -0.32 -20.29
CA THR G 18 -20.38 -0.17 -21.03
C THR G 18 -20.64 -0.36 -22.53
N LEU G 19 -21.44 -1.38 -22.87
CA LEU G 19 -21.77 -1.65 -24.27
C LEU G 19 -22.79 -0.62 -24.76
N ALA G 20 -23.84 -0.43 -23.96
CA ALA G 20 -24.89 0.52 -24.29
C ALA G 20 -24.34 1.93 -24.16
N GLN G 21 -23.19 2.14 -24.77
CA GLN G 21 -22.48 3.41 -24.79
C GLN G 21 -22.33 3.77 -26.26
N PHE G 22 -22.47 2.74 -27.10
CA PHE G 22 -22.40 2.86 -28.56
C PHE G 22 -23.53 1.98 -29.07
N PRO G 23 -24.77 2.47 -28.97
CA PRO G 23 -25.99 1.77 -29.41
C PRO G 23 -26.00 1.42 -30.89
N GLU G 24 -25.20 2.14 -31.67
CA GLU G 24 -25.13 1.93 -33.10
C GLU G 24 -24.30 0.71 -33.52
N THR G 25 -23.42 0.25 -32.64
CA THR G 25 -22.57 -0.89 -32.93
C THR G 25 -23.30 -2.21 -32.72
N LEU G 26 -22.66 -3.30 -33.14
CA LEU G 26 -23.22 -4.64 -32.99
C LEU G 26 -23.48 -5.03 -31.52
N LEU G 27 -22.47 -4.88 -30.68
CA LEU G 27 -22.61 -5.26 -29.27
C LEU G 27 -23.43 -4.27 -28.46
N GLY G 28 -23.53 -3.04 -28.95
CA GLY G 28 -24.29 -2.00 -28.26
C GLY G 28 -25.77 -2.04 -28.58
N ASP G 29 -26.12 -2.75 -29.65
CA ASP G 29 -27.51 -2.87 -30.08
C ASP G 29 -28.03 -4.23 -29.67
N PRO G 30 -28.96 -4.30 -28.70
CA PRO G 30 -29.49 -5.60 -28.28
C PRO G 30 -30.09 -6.42 -29.42
N LYS G 31 -30.61 -5.73 -30.43
CA LYS G 31 -31.23 -6.40 -31.56
C LYS G 31 -30.19 -7.10 -32.43
N LYS G 32 -29.04 -6.45 -32.59
CA LYS G 32 -27.95 -6.99 -33.39
C LYS G 32 -27.17 -8.11 -32.70
N ARG G 33 -26.94 -7.97 -31.39
CA ARG G 33 -26.17 -8.97 -30.67
C ARG G 33 -26.96 -10.23 -30.32
N MET G 34 -28.29 -10.11 -30.22
CA MET G 34 -29.15 -11.24 -29.90
C MET G 34 -28.83 -12.47 -30.74
N ARG G 35 -28.55 -12.24 -32.01
CA ARG G 35 -28.20 -13.28 -32.95
C ARG G 35 -27.08 -14.20 -32.44
N TYR G 36 -26.17 -13.62 -31.66
CA TYR G 36 -25.03 -14.36 -31.14
C TYR G 36 -25.16 -14.82 -29.69
N PHE G 37 -26.33 -14.61 -29.10
CA PHE G 37 -26.58 -15.01 -27.72
C PHE G 37 -26.70 -16.52 -27.60
N ASP G 38 -26.16 -17.06 -26.50
CA ASP G 38 -26.20 -18.48 -26.19
C ASP G 38 -26.95 -18.60 -24.86
N PRO G 39 -28.27 -18.79 -24.93
CA PRO G 39 -29.15 -18.91 -23.75
C PRO G 39 -28.68 -19.91 -22.69
N LEU G 40 -28.14 -21.04 -23.14
CA LEU G 40 -27.66 -22.08 -22.24
C LEU G 40 -26.59 -21.57 -21.29
N ARG G 41 -25.52 -21.01 -21.86
CA ARG G 41 -24.41 -20.51 -21.07
C ARG G 41 -24.55 -19.03 -20.70
N ASN G 42 -25.63 -18.41 -21.16
CA ASN G 42 -25.88 -17.01 -20.88
C ASN G 42 -24.66 -16.14 -21.20
N GLU G 43 -24.31 -16.11 -22.48
CA GLU G 43 -23.18 -15.35 -22.97
C GLU G 43 -23.35 -15.14 -24.47
N TYR G 44 -22.51 -14.30 -25.04
CA TYR G 44 -22.56 -14.08 -26.47
C TYR G 44 -21.34 -14.78 -27.04
N PHE G 45 -21.54 -15.52 -28.13
CA PHE G 45 -20.42 -16.23 -28.74
C PHE G 45 -20.07 -15.77 -30.14
N PHE G 46 -18.77 -15.55 -30.37
CA PHE G 46 -18.29 -15.14 -31.67
C PHE G 46 -17.11 -16.03 -32.06
N ASP G 47 -17.23 -16.69 -33.20
CA ASP G 47 -16.18 -17.57 -33.69
C ASP G 47 -15.24 -16.69 -34.50
N ARG G 48 -14.57 -15.77 -33.79
CA ARG G 48 -13.67 -14.80 -34.42
C ARG G 48 -12.30 -14.64 -33.76
N ASN G 49 -11.48 -13.79 -34.39
CA ASN G 49 -10.12 -13.49 -33.94
C ASN G 49 -10.10 -13.06 -32.48
N ARG G 50 -9.29 -13.73 -31.67
CA ARG G 50 -9.17 -13.43 -30.24
C ARG G 50 -8.31 -12.21 -29.88
N PRO G 51 -7.08 -12.12 -30.43
CA PRO G 51 -6.24 -10.97 -30.07
C PRO G 51 -6.82 -9.60 -30.38
N SER G 52 -7.74 -9.53 -31.33
CA SER G 52 -8.35 -8.25 -31.69
C SER G 52 -9.38 -7.75 -30.68
N PHE G 53 -10.06 -8.65 -30.00
CA PHE G 53 -11.11 -8.22 -29.09
C PHE G 53 -10.74 -7.35 -27.89
N ASP G 54 -9.51 -7.46 -27.38
CA ASP G 54 -9.11 -6.62 -26.24
C ASP G 54 -9.34 -5.15 -26.59
N ALA G 55 -8.88 -4.78 -27.78
CA ALA G 55 -8.98 -3.41 -28.26
C ALA G 55 -10.43 -3.05 -28.54
N ILE G 56 -11.20 -4.02 -29.02
CA ILE G 56 -12.61 -3.75 -29.31
C ILE G 56 -13.30 -3.33 -28.02
N LEU G 57 -13.22 -4.17 -26.99
CA LEU G 57 -13.85 -3.87 -25.71
C LEU G 57 -13.32 -2.58 -25.11
N TYR G 58 -12.00 -2.36 -25.20
CA TYR G 58 -11.40 -1.17 -24.63
C TYR G 58 -12.01 0.07 -25.23
N TYR G 59 -12.26 0.02 -26.54
CA TYR G 59 -12.87 1.11 -27.26
C TYR G 59 -14.08 1.56 -26.43
N TYR G 60 -14.92 0.60 -26.06
CA TYR G 60 -16.10 0.88 -25.25
C TYR G 60 -15.75 1.48 -23.90
N GLN G 61 -14.96 0.74 -23.13
CA GLN G 61 -14.57 1.15 -21.79
C GLN G 61 -13.90 2.51 -21.74
N SER G 62 -13.07 2.82 -22.74
CA SER G 62 -12.36 4.08 -22.79
C SER G 62 -13.25 5.22 -23.28
N GLY G 63 -14.41 4.88 -23.82
CA GLY G 63 -15.31 5.90 -24.31
C GLY G 63 -14.98 6.36 -25.71
N GLY G 64 -14.39 5.48 -26.51
CA GLY G 64 -14.08 5.84 -27.88
C GLY G 64 -12.63 5.76 -28.30
N ARG G 65 -11.75 5.29 -27.43
CA ARG G 65 -10.34 5.18 -27.79
C ARG G 65 -10.07 3.86 -28.53
N LEU G 66 -10.01 3.96 -29.86
CA LEU G 66 -9.77 2.80 -30.71
C LEU G 66 -8.32 2.66 -31.10
N ARG G 67 -7.64 1.70 -30.49
CA ARG G 67 -6.23 1.45 -30.78
C ARG G 67 -6.05 0.05 -31.33
N ARG G 68 -5.26 -0.07 -32.39
CA ARG G 68 -4.99 -1.37 -32.98
C ARG G 68 -3.86 -2.02 -32.19
N PRO G 69 -4.05 -3.26 -31.74
CA PRO G 69 -3.00 -3.94 -30.98
C PRO G 69 -1.84 -4.33 -31.89
N VAL G 70 -0.69 -3.68 -31.70
CA VAL G 70 0.49 -3.94 -32.51
C VAL G 70 0.68 -5.41 -32.91
N ASN G 71 0.26 -6.32 -32.03
CA ASN G 71 0.38 -7.74 -32.31
C ASN G 71 -0.70 -8.24 -33.28
N VAL G 72 -1.53 -7.32 -33.78
CA VAL G 72 -2.59 -7.69 -34.71
C VAL G 72 -2.49 -6.91 -36.02
N PRO G 73 -2.34 -7.62 -37.13
CA PRO G 73 -2.23 -7.00 -38.46
C PRO G 73 -3.35 -6.00 -38.76
N LEU G 74 -3.01 -4.91 -39.45
CA LEU G 74 -3.97 -3.87 -39.79
C LEU G 74 -5.18 -4.39 -40.58
N ASP G 75 -4.92 -5.18 -41.63
CA ASP G 75 -6.02 -5.70 -42.43
C ASP G 75 -6.93 -6.58 -41.59
N ILE G 76 -6.35 -7.46 -40.77
CA ILE G 76 -7.16 -8.32 -39.92
C ILE G 76 -7.98 -7.51 -38.93
N PHE G 77 -7.33 -6.55 -38.25
CA PHE G 77 -8.04 -5.72 -37.27
C PHE G 77 -9.13 -4.85 -37.91
N SER G 78 -8.90 -4.40 -39.12
CA SER G 78 -9.90 -3.57 -39.81
C SER G 78 -11.14 -4.38 -40.13
N GLU G 79 -10.95 -5.65 -40.47
CA GLU G 79 -12.06 -6.53 -40.78
C GLU G 79 -12.93 -6.74 -39.54
N GLU G 80 -12.31 -6.74 -38.37
CA GLU G 80 -13.05 -6.90 -37.12
C GLU G 80 -13.81 -5.63 -36.81
N ILE G 81 -13.11 -4.50 -36.93
CA ILE G 81 -13.73 -3.20 -36.68
C ILE G 81 -15.03 -3.14 -37.45
N ARG G 82 -14.96 -3.54 -38.72
CA ARG G 82 -16.14 -3.54 -39.58
C ARG G 82 -17.20 -4.49 -39.04
N PHE G 83 -16.82 -5.74 -38.77
CA PHE G 83 -17.79 -6.71 -38.25
C PHE G 83 -18.53 -6.22 -37.01
N TYR G 84 -17.80 -5.63 -36.06
CA TYR G 84 -18.45 -5.14 -34.83
C TYR G 84 -19.11 -3.78 -35.09
N GLU G 85 -18.94 -3.28 -36.29
CA GLU G 85 -19.53 -2.01 -36.68
C GLU G 85 -19.13 -0.86 -35.78
N LEU G 86 -17.83 -0.74 -35.50
CA LEU G 86 -17.36 0.35 -34.65
C LEU G 86 -17.42 1.63 -35.45
N GLY G 87 -17.02 1.54 -36.71
CA GLY G 87 -17.06 2.69 -37.57
C GLY G 87 -18.04 2.33 -38.67
N GLU H 1 0.71 -38.32 -15.30
CA GLU H 1 -0.03 -37.83 -16.50
C GLU H 1 -0.91 -36.62 -16.22
N ARG H 2 -0.65 -35.57 -16.97
CA ARG H 2 -1.35 -34.29 -16.88
C ARG H 2 -1.44 -33.63 -15.51
N VAL H 3 -0.75 -32.50 -15.42
CA VAL H 3 -0.67 -31.69 -14.22
C VAL H 3 -1.14 -30.28 -14.59
N VAL H 4 -1.85 -29.63 -13.67
CA VAL H 4 -2.33 -28.29 -13.93
C VAL H 4 -1.45 -27.32 -13.15
N ILE H 5 -1.00 -26.28 -13.84
CA ILE H 5 -0.14 -25.27 -13.24
C ILE H 5 -0.81 -23.90 -13.31
N ASN H 6 -1.24 -23.40 -12.15
CA ASN H 6 -1.92 -22.12 -12.04
C ASN H 6 -0.93 -20.99 -11.72
N ILE H 7 -0.67 -20.13 -12.70
CA ILE H 7 0.24 -19.01 -12.51
C ILE H 7 -0.59 -17.74 -12.28
N SER H 8 -0.78 -17.37 -11.02
CA SER H 8 -1.54 -16.18 -10.69
C SER H 8 -2.89 -16.10 -11.42
N GLY H 9 -3.60 -17.23 -11.49
CA GLY H 9 -4.90 -17.23 -12.15
C GLY H 9 -4.90 -17.85 -13.55
N LEU H 10 -3.76 -17.76 -14.23
CA LEU H 10 -3.63 -18.32 -15.58
C LEU H 10 -3.26 -19.79 -15.50
N ARG H 11 -4.15 -20.67 -15.96
CA ARG H 11 -3.90 -22.11 -15.87
C ARG H 11 -3.19 -22.71 -17.07
N PHE H 12 -2.15 -23.48 -16.77
CA PHE H 12 -1.39 -24.18 -17.80
C PHE H 12 -1.58 -25.64 -17.50
N GLU H 13 -1.53 -26.47 -18.52
CA GLU H 13 -1.70 -27.90 -18.36
C GLU H 13 -0.69 -28.64 -19.22
N THR H 14 -0.12 -29.70 -18.69
CA THR H 14 0.82 -30.48 -19.47
C THR H 14 0.87 -31.89 -18.90
N GLN H 15 1.59 -32.79 -19.58
CA GLN H 15 1.71 -34.16 -19.13
C GLN H 15 2.79 -34.24 -18.06
N LEU H 16 2.66 -35.22 -17.18
CA LEU H 16 3.66 -35.42 -16.13
C LEU H 16 4.99 -35.70 -16.83
N LYS H 17 4.96 -36.54 -17.85
CA LYS H 17 6.16 -36.89 -18.60
C LYS H 17 6.88 -35.67 -19.17
N THR H 18 6.13 -34.63 -19.52
CA THR H 18 6.76 -33.43 -20.07
C THR H 18 7.63 -32.71 -19.05
N LEU H 19 7.19 -32.69 -17.80
CA LEU H 19 7.95 -32.05 -16.74
C LEU H 19 9.10 -32.93 -16.26
N ALA H 20 8.84 -34.22 -16.09
CA ALA H 20 9.85 -35.16 -15.61
C ALA H 20 11.11 -35.17 -16.47
N GLN H 21 11.01 -34.71 -17.71
CA GLN H 21 12.16 -34.68 -18.62
C GLN H 21 13.35 -34.02 -17.96
N PHE H 22 13.10 -32.92 -17.24
CA PHE H 22 14.16 -32.19 -16.56
C PHE H 22 13.96 -32.27 -15.04
N PRO H 23 14.24 -33.44 -14.45
CA PRO H 23 14.09 -33.72 -13.02
C PRO H 23 14.90 -32.82 -12.08
N GLU H 24 15.86 -32.09 -12.62
CA GLU H 24 16.65 -31.20 -11.79
C GLU H 24 15.91 -29.91 -11.44
N THR H 25 14.86 -29.61 -12.19
CA THR H 25 14.09 -28.39 -11.97
C THR H 25 13.06 -28.52 -10.85
N LEU H 26 12.50 -27.37 -10.48
CA LEU H 26 11.49 -27.28 -9.44
C LEU H 26 10.23 -28.05 -9.84
N LEU H 27 9.81 -27.88 -11.10
CA LEU H 27 8.60 -28.55 -11.58
C LEU H 27 8.83 -30.01 -11.97
N GLY H 28 10.07 -30.34 -12.31
CA GLY H 28 10.40 -31.72 -12.68
C GLY H 28 10.72 -32.58 -11.47
N ASP H 29 10.72 -31.97 -10.29
CA ASP H 29 11.02 -32.69 -9.06
C ASP H 29 9.82 -32.69 -8.13
N PRO H 30 9.21 -33.86 -7.92
CA PRO H 30 8.05 -33.97 -7.03
C PRO H 30 8.33 -33.41 -5.64
N LYS H 31 9.60 -33.49 -5.23
CA LYS H 31 10.01 -33.01 -3.92
C LYS H 31 9.98 -31.48 -3.85
N LYS H 32 10.40 -30.84 -4.94
CA LYS H 32 10.43 -29.38 -4.99
C LYS H 32 9.09 -28.71 -5.31
N ARG H 33 8.26 -29.33 -6.12
CA ARG H 33 6.97 -28.72 -6.46
C ARG H 33 5.88 -28.94 -5.42
N MET H 34 6.02 -30.02 -4.64
CA MET H 34 5.07 -30.38 -3.60
C MET H 34 4.58 -29.16 -2.81
N ARG H 35 5.53 -28.32 -2.44
CA ARG H 35 5.29 -27.09 -1.66
C ARG H 35 4.26 -26.13 -2.26
N TYR H 36 4.03 -26.20 -3.57
CA TYR H 36 3.09 -25.30 -4.24
C TYR H 36 1.78 -25.95 -4.61
N PHE H 37 1.61 -27.20 -4.20
CA PHE H 37 0.42 -27.95 -4.50
C PHE H 37 -0.80 -27.47 -3.72
N ASP H 38 -1.93 -27.38 -4.41
CA ASP H 38 -3.18 -26.98 -3.79
C ASP H 38 -4.03 -28.23 -3.83
N PRO H 39 -3.97 -29.05 -2.78
CA PRO H 39 -4.74 -30.29 -2.71
C PRO H 39 -6.24 -30.11 -3.03
N LEU H 40 -6.83 -29.00 -2.57
CA LEU H 40 -8.24 -28.74 -2.82
C LEU H 40 -8.56 -28.60 -4.32
N ARG H 41 -7.72 -27.91 -5.07
CA ARG H 41 -7.96 -27.69 -6.51
C ARG H 41 -7.16 -28.61 -7.43
N ASN H 42 -6.37 -29.50 -6.84
CA ASN H 42 -5.56 -30.43 -7.61
C ASN H 42 -4.70 -29.73 -8.66
N GLU H 43 -3.97 -28.71 -8.22
CA GLU H 43 -3.10 -27.94 -9.10
C GLU H 43 -1.97 -27.36 -8.29
N TYR H 44 -0.99 -26.80 -8.99
CA TYR H 44 0.12 -26.14 -8.34
C TYR H 44 -0.13 -24.66 -8.56
N PHE H 45 0.15 -23.86 -7.55
CA PHE H 45 -0.07 -22.42 -7.65
C PHE H 45 1.21 -21.63 -7.44
N PHE H 46 1.42 -20.64 -8.30
CA PHE H 46 2.59 -19.79 -8.21
C PHE H 46 2.15 -18.34 -8.37
N ASP H 47 2.39 -17.55 -7.33
CA ASP H 47 2.02 -16.14 -7.29
C ASP H 47 3.12 -15.38 -8.05
N ARG H 48 3.26 -15.67 -9.34
CA ARG H 48 4.31 -15.05 -10.15
C ARG H 48 3.88 -14.48 -11.51
N ASN H 49 4.87 -13.91 -12.22
CA ASN H 49 4.69 -13.31 -13.54
C ASN H 49 4.07 -14.29 -14.52
N ARG H 50 2.93 -13.93 -15.10
CA ARG H 50 2.23 -14.78 -16.06
C ARG H 50 2.88 -14.86 -17.45
N PRO H 51 3.13 -13.71 -18.10
CA PRO H 51 3.75 -13.73 -19.43
C PRO H 51 5.02 -14.57 -19.52
N SER H 52 5.77 -14.64 -18.44
CA SER H 52 6.99 -15.43 -18.46
C SER H 52 6.77 -16.93 -18.62
N PHE H 53 5.74 -17.46 -17.96
CA PHE H 53 5.53 -18.91 -18.01
C PHE H 53 5.34 -19.62 -19.35
N ASP H 54 4.82 -18.92 -20.37
CA ASP H 54 4.65 -19.57 -21.67
C ASP H 54 5.99 -20.14 -22.13
N ALA H 55 7.05 -19.35 -21.97
CA ALA H 55 8.39 -19.74 -22.36
C ALA H 55 8.96 -20.82 -21.42
N ILE H 56 8.61 -20.77 -20.14
CA ILE H 56 9.09 -21.76 -19.20
C ILE H 56 8.51 -23.12 -19.60
N LEU H 57 7.22 -23.14 -19.90
CA LEU H 57 6.58 -24.39 -20.31
C LEU H 57 7.14 -24.86 -21.64
N TYR H 58 7.36 -23.93 -22.56
CA TYR H 58 7.88 -24.27 -23.87
C TYR H 58 9.24 -24.93 -23.76
N TYR H 59 10.01 -24.50 -22.76
CA TYR H 59 11.33 -25.08 -22.53
C TYR H 59 11.16 -26.60 -22.42
N TYR H 60 10.20 -27.02 -21.59
CA TYR H 60 9.93 -28.45 -21.41
C TYR H 60 9.37 -29.11 -22.65
N GLN H 61 8.30 -28.57 -23.21
CA GLN H 61 7.67 -29.16 -24.39
C GLN H 61 8.65 -29.33 -25.56
N SER H 62 9.54 -28.36 -25.75
CA SER H 62 10.52 -28.39 -26.83
C SER H 62 11.74 -29.24 -26.53
N GLY H 63 11.83 -29.77 -25.32
CA GLY H 63 12.99 -30.59 -24.97
C GLY H 63 14.26 -29.82 -24.68
N GLY H 64 14.12 -28.60 -24.15
CA GLY H 64 15.31 -27.83 -23.81
C GLY H 64 15.50 -26.45 -24.45
N ARG H 65 14.63 -26.08 -25.39
CA ARG H 65 14.75 -24.79 -26.05
C ARG H 65 14.27 -23.63 -25.17
N LEU H 66 15.23 -22.88 -24.63
CA LEU H 66 14.94 -21.75 -23.75
C LEU H 66 14.90 -20.42 -24.51
N ARG H 67 13.70 -19.99 -24.89
CA ARG H 67 13.50 -18.74 -25.62
C ARG H 67 12.85 -17.70 -24.72
N ARG H 68 13.28 -16.46 -24.84
CA ARG H 68 12.71 -15.38 -24.04
C ARG H 68 11.52 -14.74 -24.74
N PRO H 69 10.42 -14.54 -24.02
CA PRO H 69 9.25 -13.92 -24.66
C PRO H 69 9.66 -12.49 -24.99
N VAL H 70 9.34 -12.02 -26.20
CA VAL H 70 9.72 -10.68 -26.61
C VAL H 70 9.03 -9.59 -25.78
N ASN H 71 7.88 -9.93 -25.20
CA ASN H 71 7.12 -8.99 -24.40
C ASN H 71 7.53 -9.00 -22.92
N VAL H 72 8.43 -9.90 -22.56
CA VAL H 72 8.88 -9.98 -21.19
C VAL H 72 10.33 -9.50 -21.08
N PRO H 73 10.56 -8.43 -20.30
CA PRO H 73 11.93 -7.91 -20.14
C PRO H 73 12.87 -9.03 -19.65
N LEU H 74 14.11 -8.98 -20.13
CA LEU H 74 15.11 -9.98 -19.79
C LEU H 74 15.38 -10.09 -18.29
N ASP H 75 15.51 -8.96 -17.61
CA ASP H 75 15.78 -9.00 -16.18
C ASP H 75 14.64 -9.71 -15.45
N ILE H 76 13.42 -9.48 -15.92
CA ILE H 76 12.25 -10.12 -15.31
C ILE H 76 12.23 -11.62 -15.62
N PHE H 77 12.48 -11.96 -16.88
CA PHE H 77 12.46 -13.36 -17.30
C PHE H 77 13.55 -14.20 -16.62
N SER H 78 14.74 -13.61 -16.49
CA SER H 78 15.85 -14.31 -15.85
C SER H 78 15.52 -14.65 -14.40
N GLU H 79 14.82 -13.74 -13.72
CA GLU H 79 14.45 -14.01 -12.34
C GLU H 79 13.57 -15.26 -12.32
N GLU H 80 12.69 -15.38 -13.31
CA GLU H 80 11.80 -16.54 -13.38
C GLU H 80 12.61 -17.80 -13.68
N ILE H 81 13.57 -17.68 -14.59
CA ILE H 81 14.41 -18.81 -14.94
C ILE H 81 15.12 -19.35 -13.69
N ARG H 82 15.59 -18.45 -12.83
CA ARG H 82 16.26 -18.88 -11.61
C ARG H 82 15.27 -19.57 -10.66
N PHE H 83 14.11 -18.95 -10.45
CA PHE H 83 13.13 -19.52 -9.55
C PHE H 83 12.74 -20.95 -9.92
N TYR H 84 12.43 -21.15 -11.20
CA TYR H 84 12.05 -22.49 -11.65
C TYR H 84 13.23 -23.44 -11.71
N GLU H 85 14.42 -22.93 -11.37
CA GLU H 85 15.66 -23.73 -11.37
C GLU H 85 15.94 -24.44 -12.68
N LEU H 86 15.90 -23.71 -13.78
CA LEU H 86 16.16 -24.30 -15.09
C LEU H 86 17.66 -24.39 -15.34
N GLY H 87 18.39 -23.36 -14.93
CA GLY H 87 19.82 -23.32 -15.14
C GLY H 87 20.57 -24.62 -14.95
#